data_7UWY
#
_entry.id   7UWY
#
_entity_poly.entity_id   1
_entity_poly.type   'polypeptide(L)'
_entity_poly.pdbx_seq_one_letter_code
;SEVETVLRKAAERNKTVDIHTKSGTTVRVNVKRVDSKSVKVERNGQDLEISLDQITHVDGW
;
_entity_poly.pdbx_strand_id   A
#
# COMPACT_ATOMS: atom_id res chain seq x y z
N SER A 1 8.83 -5.76 8.31
CA SER A 1 9.23 -5.21 7.01
C SER A 1 9.34 -3.70 7.07
N GLU A 2 10.27 -3.16 6.29
CA GLU A 2 10.57 -1.75 6.27
C GLU A 2 9.42 -0.98 5.61
N VAL A 3 9.10 -1.33 4.37
CA VAL A 3 8.05 -0.64 3.64
C VAL A 3 6.66 -0.88 4.30
N GLU A 4 6.49 -2.03 4.89
CA GLU A 4 5.29 -2.40 5.67
C GLU A 4 4.94 -1.31 6.68
N THR A 5 5.95 -0.81 7.34
CA THR A 5 5.82 0.22 8.32
C THR A 5 5.28 1.50 7.67
N VAL A 6 5.65 1.70 6.42
CA VAL A 6 5.27 2.87 5.66
C VAL A 6 3.80 2.77 5.28
N LEU A 7 3.37 1.58 4.88
CA LEU A 7 1.93 1.37 4.57
C LEU A 7 1.11 1.52 5.84
N ARG A 8 1.63 1.01 6.93
CA ARG A 8 0.99 1.12 8.24
C ARG A 8 0.84 2.59 8.60
N LYS A 9 1.92 3.35 8.39
CA LYS A 9 1.97 4.79 8.62
C LYS A 9 0.86 5.52 7.85
N ALA A 10 0.71 5.14 6.60
CA ALA A 10 -0.33 5.70 5.75
C ALA A 10 -1.73 5.31 6.25
N ALA A 11 -1.88 4.05 6.67
CA ALA A 11 -3.16 3.55 7.19
C ALA A 11 -3.55 4.29 8.47
N GLU A 12 -2.55 4.60 9.29
CA GLU A 12 -2.75 5.32 10.56
C GLU A 12 -3.39 6.68 10.36
N ARG A 13 -3.04 7.33 9.27
CA ARG A 13 -3.59 8.64 8.98
C ARG A 13 -4.69 8.55 7.94
N ASN A 14 -4.98 7.33 7.50
CA ASN A 14 -6.00 7.07 6.47
C ASN A 14 -5.64 7.85 5.20
N LYS A 15 -4.40 7.73 4.81
CA LYS A 15 -3.84 8.44 3.67
C LYS A 15 -3.98 7.66 2.39
N THR A 16 -4.16 8.38 1.32
CA THR A 16 -4.15 7.83 0.01
C THR A 16 -2.73 8.06 -0.52
N VAL A 17 -2.08 7.03 -0.96
CA VAL A 17 -0.69 7.10 -1.38
C VAL A 17 -0.50 6.31 -2.66
N ASP A 18 0.62 6.50 -3.29
CA ASP A 18 0.97 5.78 -4.49
C ASP A 18 1.89 4.64 -4.10
N ILE A 19 1.53 3.45 -4.48
CA ILE A 19 2.29 2.27 -4.18
C ILE A 19 2.98 1.78 -5.42
N HIS A 20 4.26 1.55 -5.30
CA HIS A 20 5.07 1.11 -6.42
C HIS A 20 5.33 -0.39 -6.27
N THR A 21 5.03 -1.14 -7.30
CA THR A 21 5.13 -2.59 -7.25
C THR A 21 6.23 -3.12 -8.19
N LYS A 22 6.50 -4.43 -8.10
CA LYS A 22 7.53 -5.12 -8.89
C LYS A 22 7.28 -5.05 -10.39
N SER A 23 6.02 -4.98 -10.77
CA SER A 23 5.66 -4.91 -12.17
C SER A 23 5.81 -3.48 -12.70
N GLY A 24 6.28 -2.59 -11.85
CA GLY A 24 6.45 -1.21 -12.22
C GLY A 24 5.13 -0.48 -12.19
N THR A 25 4.14 -1.13 -11.64
CA THR A 25 2.82 -0.60 -11.56
C THR A 25 2.74 0.33 -10.36
N THR A 26 2.24 1.51 -10.57
CA THR A 26 2.01 2.42 -9.50
C THR A 26 0.52 2.59 -9.30
N VAL A 27 0.05 2.19 -8.15
CA VAL A 27 -1.34 2.30 -7.83
C VAL A 27 -1.53 3.32 -6.72
N ARG A 28 -2.39 4.25 -6.93
CA ARG A 28 -2.67 5.21 -5.91
C ARG A 28 -3.94 4.81 -5.24
N VAL A 29 -3.81 4.45 -3.99
CA VAL A 29 -4.89 3.86 -3.24
C VAL A 29 -4.87 4.31 -1.79
N ASN A 30 -5.90 3.92 -1.09
CA ASN A 30 -6.05 4.19 0.33
C ASN A 30 -5.76 2.89 1.08
N VAL A 31 -4.97 2.96 2.13
CA VAL A 31 -4.56 1.75 2.86
C VAL A 31 -5.68 1.26 3.79
N LYS A 32 -6.06 0.01 3.64
CA LYS A 32 -7.13 -0.61 4.39
C LYS A 32 -6.59 -1.49 5.53
N ARG A 33 -5.52 -2.21 5.26
CA ARG A 33 -4.96 -3.17 6.23
C ARG A 33 -3.50 -3.46 5.93
N VAL A 34 -2.72 -3.68 6.97
CA VAL A 34 -1.32 -4.04 6.85
C VAL A 34 -0.99 -5.24 7.72
N ASP A 35 -0.64 -6.32 7.08
CA ASP A 35 -0.22 -7.52 7.78
C ASP A 35 1.16 -7.84 7.35
N SER A 36 1.84 -8.67 8.08
CA SER A 36 3.18 -9.04 7.74
C SER A 36 3.20 -10.13 6.66
N LYS A 37 2.85 -9.70 5.45
CA LYS A 37 2.80 -10.52 4.25
C LYS A 37 2.20 -9.70 3.13
N SER A 38 1.13 -9.00 3.43
CA SER A 38 0.41 -8.27 2.43
C SER A 38 -0.34 -7.08 3.02
N VAL A 39 -0.80 -6.24 2.13
CA VAL A 39 -1.50 -5.05 2.47
C VAL A 39 -2.77 -4.98 1.65
N LYS A 40 -3.82 -4.60 2.31
CA LYS A 40 -5.10 -4.46 1.68
C LYS A 40 -5.29 -3.00 1.38
N VAL A 41 -5.69 -2.69 0.21
CA VAL A 41 -5.87 -1.34 -0.20
C VAL A 41 -7.24 -1.11 -0.81
N GLU A 42 -7.53 0.13 -1.10
CA GLU A 42 -8.81 0.55 -1.59
C GLU A 42 -8.61 1.44 -2.81
N ARG A 43 -9.15 1.01 -3.94
CA ARG A 43 -9.11 1.80 -5.16
C ARG A 43 -10.52 2.03 -5.70
N ASN A 44 -10.99 3.26 -5.60
CA ASN A 44 -12.33 3.65 -6.13
C ASN A 44 -13.45 2.84 -5.46
N GLY A 45 -13.25 2.50 -4.19
CA GLY A 45 -14.24 1.72 -3.45
C GLY A 45 -14.02 0.21 -3.58
N GLN A 46 -13.11 -0.17 -4.45
CA GLN A 46 -12.76 -1.56 -4.64
C GLN A 46 -11.69 -1.93 -3.64
N ASP A 47 -11.80 -3.08 -3.06
CA ASP A 47 -10.81 -3.53 -2.13
C ASP A 47 -9.84 -4.43 -2.88
N LEU A 48 -8.59 -4.25 -2.64
CA LEU A 48 -7.57 -4.97 -3.35
C LEU A 48 -6.48 -5.36 -2.36
N GLU A 49 -5.77 -6.42 -2.65
CA GLU A 49 -4.64 -6.80 -1.82
C GLU A 49 -3.37 -6.83 -2.61
N ILE A 50 -2.33 -6.41 -1.99
CA ILE A 50 -1.03 -6.38 -2.57
C ILE A 50 -0.09 -7.02 -1.60
N SER A 51 0.82 -7.76 -2.10
CA SER A 51 1.74 -8.45 -1.23
C SER A 51 2.92 -7.56 -0.93
N LEU A 52 3.38 -7.58 0.31
CA LEU A 52 4.50 -6.76 0.76
C LEU A 52 5.76 -7.05 -0.02
N ASP A 53 5.89 -8.28 -0.42
CA ASP A 53 7.03 -8.76 -1.20
C ASP A 53 7.07 -8.08 -2.57
N GLN A 54 5.91 -7.65 -3.04
CA GLN A 54 5.78 -7.06 -4.37
C GLN A 54 5.85 -5.55 -4.30
N ILE A 55 5.74 -5.04 -3.12
CA ILE A 55 5.82 -3.61 -2.90
C ILE A 55 7.28 -3.18 -2.79
N THR A 56 7.64 -2.11 -3.47
CA THR A 56 8.99 -1.62 -3.41
C THR A 56 9.10 -0.40 -2.47
N HIS A 57 8.16 0.53 -2.61
CA HIS A 57 8.16 1.80 -1.83
C HIS A 57 6.88 2.59 -2.04
N VAL A 58 6.63 3.55 -1.15
CA VAL A 58 5.43 4.39 -1.15
C VAL A 58 5.79 5.86 -1.40
N ASP A 59 5.01 6.51 -2.24
CA ASP A 59 5.15 7.95 -2.54
C ASP A 59 3.77 8.53 -2.64
N GLY A 60 3.67 9.83 -2.74
CA GLY A 60 2.38 10.43 -3.01
C GLY A 60 1.56 10.73 -1.78
N TRP A 61 2.22 11.04 -0.72
CA TRP A 61 1.60 11.41 0.53
C TRP A 61 1.02 12.82 0.39
N SER A 1 8.98 -5.54 7.34
CA SER A 1 9.79 -4.89 6.31
C SER A 1 9.67 -3.38 6.45
N GLU A 2 10.53 -2.65 5.74
CA GLU A 2 10.52 -1.20 5.82
C GLU A 2 9.22 -0.63 5.32
N VAL A 3 8.87 -1.00 4.10
CA VAL A 3 7.68 -0.47 3.45
C VAL A 3 6.39 -0.81 4.21
N GLU A 4 6.38 -1.95 4.87
CA GLU A 4 5.24 -2.40 5.68
C GLU A 4 4.92 -1.35 6.74
N THR A 5 5.95 -0.86 7.37
CA THR A 5 5.83 0.14 8.40
C THR A 5 5.37 1.46 7.78
N VAL A 6 5.81 1.70 6.57
CA VAL A 6 5.52 2.91 5.85
C VAL A 6 4.05 2.93 5.43
N LEU A 7 3.58 1.79 4.97
CA LEU A 7 2.19 1.61 4.58
C LEU A 7 1.27 1.69 5.77
N ARG A 8 1.72 1.17 6.90
CA ARG A 8 0.94 1.24 8.14
C ARG A 8 0.81 2.70 8.60
N LYS A 9 1.88 3.45 8.40
CA LYS A 9 1.94 4.87 8.70
C LYS A 9 0.88 5.64 7.88
N ALA A 10 0.67 5.18 6.68
CA ALA A 10 -0.33 5.73 5.80
C ALA A 10 -1.74 5.25 6.22
N ALA A 11 -1.87 3.94 6.41
CA ALA A 11 -3.15 3.28 6.75
C ALA A 11 -3.78 3.88 7.98
N GLU A 12 -2.96 4.08 9.00
CA GLU A 12 -3.37 4.60 10.28
C GLU A 12 -4.07 5.95 10.12
N ARG A 13 -3.56 6.76 9.22
CA ARG A 13 -4.07 8.10 9.02
C ARG A 13 -5.00 8.17 7.82
N ASN A 14 -5.33 7.01 7.24
CA ASN A 14 -6.20 6.93 6.04
C ASN A 14 -5.60 7.72 4.88
N LYS A 15 -4.31 7.61 4.73
CA LYS A 15 -3.58 8.26 3.67
C LYS A 15 -3.65 7.49 2.38
N THR A 16 -4.07 8.17 1.34
CA THR A 16 -4.04 7.63 0.02
C THR A 16 -2.65 7.88 -0.55
N VAL A 17 -2.01 6.84 -1.02
CA VAL A 17 -0.63 6.93 -1.48
C VAL A 17 -0.44 6.19 -2.78
N ASP A 18 0.70 6.39 -3.39
CA ASP A 18 1.05 5.68 -4.58
C ASP A 18 1.95 4.55 -4.19
N ILE A 19 1.58 3.38 -4.58
CA ILE A 19 2.32 2.20 -4.27
C ILE A 19 3.06 1.76 -5.51
N HIS A 20 4.33 1.52 -5.36
CA HIS A 20 5.17 1.11 -6.45
C HIS A 20 5.47 -0.36 -6.30
N THR A 21 5.14 -1.12 -7.30
CA THR A 21 5.32 -2.55 -7.24
C THR A 21 6.43 -3.02 -8.20
N LYS A 22 6.83 -4.29 -8.04
CA LYS A 22 7.92 -4.93 -8.82
C LYS A 22 7.71 -4.88 -10.33
N SER A 23 6.47 -4.79 -10.75
CA SER A 23 6.16 -4.74 -12.17
C SER A 23 6.38 -3.33 -12.74
N GLY A 24 6.82 -2.41 -11.88
CA GLY A 24 7.03 -1.04 -12.29
C GLY A 24 5.74 -0.30 -12.33
N THR A 25 4.77 -0.85 -11.65
CA THR A 25 3.44 -0.32 -11.62
C THR A 25 3.32 0.68 -10.47
N THR A 26 2.69 1.78 -10.74
CA THR A 26 2.40 2.73 -9.71
C THR A 26 0.89 2.84 -9.57
N VAL A 27 0.39 2.47 -8.42
CA VAL A 27 -1.04 2.51 -8.20
C VAL A 27 -1.35 3.45 -7.05
N ARG A 28 -2.35 4.27 -7.21
CA ARG A 28 -2.72 5.18 -6.17
C ARG A 28 -3.96 4.67 -5.50
N VAL A 29 -3.83 4.29 -4.27
CA VAL A 29 -4.89 3.67 -3.51
C VAL A 29 -4.83 4.10 -2.06
N ASN A 30 -5.86 3.79 -1.30
CA ASN A 30 -5.89 4.16 0.10
C ASN A 30 -5.63 2.90 0.91
N VAL A 31 -4.66 2.96 1.79
CA VAL A 31 -4.29 1.78 2.56
C VAL A 31 -5.35 1.49 3.63
N LYS A 32 -5.80 0.25 3.66
CA LYS A 32 -6.84 -0.18 4.55
C LYS A 32 -6.32 -1.08 5.66
N ARG A 33 -5.39 -1.94 5.34
CA ARG A 33 -4.89 -2.88 6.32
C ARG A 33 -3.46 -3.22 6.01
N VAL A 34 -2.65 -3.39 7.04
CA VAL A 34 -1.27 -3.76 6.87
C VAL A 34 -0.90 -4.92 7.75
N ASP A 35 -0.65 -6.02 7.12
CA ASP A 35 -0.14 -7.19 7.79
C ASP A 35 1.27 -7.39 7.37
N SER A 36 1.95 -8.29 8.00
CA SER A 36 3.34 -8.53 7.69
C SER A 36 3.50 -9.46 6.46
N LYS A 37 2.41 -9.79 5.84
CA LYS A 37 2.43 -10.64 4.67
C LYS A 37 1.85 -9.92 3.44
N SER A 38 0.88 -9.08 3.66
CA SER A 38 0.22 -8.38 2.60
C SER A 38 -0.49 -7.15 3.13
N VAL A 39 -0.90 -6.31 2.23
CA VAL A 39 -1.55 -5.08 2.55
C VAL A 39 -2.82 -4.96 1.77
N LYS A 40 -3.85 -4.53 2.44
CA LYS A 40 -5.12 -4.35 1.83
C LYS A 40 -5.31 -2.88 1.58
N VAL A 41 -5.75 -2.55 0.43
CA VAL A 41 -5.94 -1.20 0.01
C VAL A 41 -7.32 -1.03 -0.59
N GLU A 42 -7.67 0.18 -0.92
CA GLU A 42 -8.94 0.49 -1.49
C GLU A 42 -8.77 1.37 -2.73
N ARG A 43 -9.40 0.95 -3.82
CA ARG A 43 -9.44 1.73 -5.04
C ARG A 43 -10.90 1.91 -5.51
N ASN A 44 -11.36 3.16 -5.54
CA ASN A 44 -12.75 3.52 -5.96
C ASN A 44 -13.77 2.77 -5.07
N GLY A 45 -13.39 2.55 -3.83
CA GLY A 45 -14.25 1.87 -2.89
C GLY A 45 -14.10 0.36 -2.94
N GLN A 46 -13.36 -0.14 -3.91
CA GLN A 46 -13.14 -1.56 -4.05
C GLN A 46 -11.93 -1.93 -3.23
N ASP A 47 -12.06 -2.94 -2.42
CA ASP A 47 -10.94 -3.38 -1.62
C ASP A 47 -10.05 -4.25 -2.48
N LEU A 48 -8.78 -4.13 -2.29
CA LEU A 48 -7.80 -4.87 -3.03
C LEU A 48 -6.69 -5.24 -2.08
N GLU A 49 -6.00 -6.31 -2.35
CA GLU A 49 -4.92 -6.69 -1.49
C GLU A 49 -3.65 -6.91 -2.32
N ILE A 50 -2.55 -6.47 -1.79
CA ILE A 50 -1.29 -6.53 -2.47
C ILE A 50 -0.27 -7.19 -1.57
N SER A 51 0.60 -7.94 -2.14
CA SER A 51 1.60 -8.64 -1.40
C SER A 51 2.79 -7.72 -1.15
N LEU A 52 3.28 -7.74 0.07
CA LEU A 52 4.40 -6.89 0.49
C LEU A 52 5.69 -7.22 -0.23
N ASP A 53 5.76 -8.40 -0.78
CA ASP A 53 6.94 -8.83 -1.51
C ASP A 53 7.01 -8.11 -2.84
N GLN A 54 5.86 -7.71 -3.34
CA GLN A 54 5.77 -7.07 -4.63
C GLN A 54 5.84 -5.58 -4.50
N ILE A 55 5.57 -5.10 -3.32
CA ILE A 55 5.65 -3.68 -3.06
C ILE A 55 7.11 -3.28 -2.82
N THR A 56 7.58 -2.27 -3.53
CA THR A 56 8.94 -1.83 -3.35
C THR A 56 9.02 -0.55 -2.50
N HIS A 57 8.08 0.40 -2.72
CA HIS A 57 8.11 1.70 -2.00
C HIS A 57 6.82 2.51 -2.17
N VAL A 58 6.65 3.49 -1.30
CA VAL A 58 5.47 4.36 -1.25
C VAL A 58 5.84 5.78 -1.73
N ASP A 59 4.91 6.44 -2.39
CA ASP A 59 5.09 7.82 -2.83
C ASP A 59 3.78 8.57 -2.63
N GLY A 60 3.81 9.86 -2.77
CA GLY A 60 2.61 10.64 -2.72
C GLY A 60 2.37 11.22 -1.37
N TRP A 61 1.87 10.38 -0.49
CA TRP A 61 1.47 10.76 0.87
C TRP A 61 0.43 11.87 0.88
N SER A 1 10.11 -6.35 6.29
CA SER A 1 9.78 -5.39 5.26
C SER A 1 9.71 -4.00 5.89
N GLU A 2 10.60 -3.10 5.47
CA GLU A 2 10.61 -1.75 6.02
C GLU A 2 9.50 -0.87 5.46
N VAL A 3 8.98 -1.26 4.31
CA VAL A 3 7.89 -0.53 3.67
C VAL A 3 6.60 -0.76 4.46
N GLU A 4 6.48 -1.93 5.09
CA GLU A 4 5.34 -2.30 5.93
C GLU A 4 5.02 -1.20 6.94
N THR A 5 6.05 -0.69 7.56
CA THR A 5 5.91 0.33 8.57
C THR A 5 5.37 1.62 7.93
N VAL A 6 5.77 1.84 6.71
CA VAL A 6 5.42 3.01 5.96
C VAL A 6 3.96 2.91 5.51
N LEU A 7 3.58 1.72 5.08
CA LEU A 7 2.20 1.44 4.71
C LEU A 7 1.28 1.58 5.90
N ARG A 8 1.73 1.10 7.06
CA ARG A 8 0.98 1.22 8.29
C ARG A 8 0.79 2.69 8.65
N LYS A 9 1.84 3.48 8.45
CA LYS A 9 1.79 4.91 8.66
C LYS A 9 0.69 5.55 7.79
N ALA A 10 0.68 5.20 6.52
CA ALA A 10 -0.33 5.69 5.61
C ALA A 10 -1.72 5.21 6.02
N ALA A 11 -1.84 3.93 6.35
CA ALA A 11 -3.13 3.32 6.76
C ALA A 11 -3.71 3.99 7.99
N GLU A 12 -2.84 4.29 8.93
CA GLU A 12 -3.20 4.92 10.19
C GLU A 12 -3.80 6.30 9.90
N ARG A 13 -3.14 7.04 9.03
CA ARG A 13 -3.58 8.39 8.69
C ARG A 13 -4.60 8.41 7.55
N ASN A 14 -4.99 7.22 7.05
CA ASN A 14 -5.96 7.08 5.93
C ASN A 14 -5.43 7.76 4.67
N LYS A 15 -4.13 7.76 4.54
CA LYS A 15 -3.46 8.37 3.43
C LYS A 15 -3.59 7.55 2.18
N THR A 16 -4.06 8.20 1.15
CA THR A 16 -4.12 7.61 -0.12
C THR A 16 -2.77 7.88 -0.76
N VAL A 17 -2.11 6.86 -1.19
CA VAL A 17 -0.76 6.98 -1.67
C VAL A 17 -0.58 6.23 -2.96
N ASP A 18 0.49 6.50 -3.63
CA ASP A 18 0.83 5.79 -4.82
C ASP A 18 1.77 4.70 -4.41
N ILE A 19 1.44 3.49 -4.75
CA ILE A 19 2.25 2.37 -4.40
C ILE A 19 3.02 1.89 -5.60
N HIS A 20 4.29 1.71 -5.41
CA HIS A 20 5.16 1.28 -6.45
C HIS A 20 5.42 -0.19 -6.28
N THR A 21 5.18 -0.95 -7.31
CA THR A 21 5.40 -2.35 -7.26
C THR A 21 6.65 -2.73 -8.06
N LYS A 22 7.14 -3.94 -7.82
CA LYS A 22 8.31 -4.50 -8.50
C LYS A 22 8.15 -4.55 -10.02
N SER A 23 6.91 -4.49 -10.47
CA SER A 23 6.61 -4.55 -11.88
C SER A 23 6.80 -3.18 -12.55
N GLY A 24 7.10 -2.16 -11.75
CA GLY A 24 7.25 -0.81 -12.27
C GLY A 24 5.91 -0.16 -12.42
N THR A 25 4.95 -0.73 -11.74
CA THR A 25 3.60 -0.30 -11.78
C THR A 25 3.31 0.58 -10.56
N THR A 26 2.62 1.67 -10.76
CA THR A 26 2.27 2.55 -9.69
C THR A 26 0.76 2.65 -9.61
N VAL A 27 0.20 2.21 -8.52
CA VAL A 27 -1.24 2.26 -8.35
C VAL A 27 -1.53 3.11 -7.13
N ARG A 28 -2.37 4.09 -7.27
CA ARG A 28 -2.72 4.94 -6.16
C ARG A 28 -3.95 4.43 -5.47
N VAL A 29 -3.78 4.09 -4.21
CA VAL A 29 -4.81 3.47 -3.41
C VAL A 29 -4.75 4.01 -1.99
N ASN A 30 -5.73 3.68 -1.21
CA ASN A 30 -5.78 4.07 0.19
C ASN A 30 -5.45 2.85 1.01
N VAL A 31 -4.46 2.94 1.88
CA VAL A 31 -4.05 1.77 2.65
C VAL A 31 -5.01 1.53 3.80
N LYS A 32 -5.51 0.31 3.91
CA LYS A 32 -6.46 -0.02 4.92
C LYS A 32 -5.97 -1.01 5.97
N ARG A 33 -5.22 -2.01 5.57
CA ARG A 33 -4.76 -3.01 6.52
C ARG A 33 -3.38 -3.42 6.16
N VAL A 34 -2.53 -3.49 7.14
CA VAL A 34 -1.17 -3.87 6.91
C VAL A 34 -0.80 -5.09 7.70
N ASP A 35 -0.63 -6.16 6.99
CA ASP A 35 -0.21 -7.41 7.57
C ASP A 35 1.16 -7.69 7.06
N SER A 36 1.88 -8.57 7.71
CA SER A 36 3.24 -8.89 7.35
C SER A 36 3.34 -9.89 6.18
N LYS A 37 2.25 -10.07 5.48
CA LYS A 37 2.21 -10.91 4.30
C LYS A 37 1.74 -10.09 3.12
N SER A 38 0.68 -9.38 3.33
CA SER A 38 0.07 -8.60 2.32
C SER A 38 -0.70 -7.44 2.94
N VAL A 39 -1.10 -6.51 2.12
CA VAL A 39 -1.76 -5.31 2.57
C VAL A 39 -3.03 -5.08 1.81
N LYS A 40 -4.06 -4.70 2.53
CA LYS A 40 -5.33 -4.38 1.93
C LYS A 40 -5.43 -2.90 1.74
N VAL A 41 -5.82 -2.53 0.57
CA VAL A 41 -5.94 -1.18 0.18
C VAL A 41 -7.28 -0.97 -0.50
N GLU A 42 -7.59 0.24 -0.85
CA GLU A 42 -8.83 0.53 -1.51
C GLU A 42 -8.61 1.35 -2.76
N ARG A 43 -9.31 1.00 -3.82
CA ARG A 43 -9.33 1.78 -5.03
C ARG A 43 -10.78 1.90 -5.53
N ASN A 44 -11.30 3.13 -5.53
CA ASN A 44 -12.68 3.44 -6.00
C ASN A 44 -13.73 2.66 -5.16
N GLY A 45 -13.41 2.48 -3.89
CA GLY A 45 -14.31 1.79 -3.00
C GLY A 45 -14.10 0.28 -3.00
N GLN A 46 -13.25 -0.20 -3.87
CA GLN A 46 -12.92 -1.61 -3.95
C GLN A 46 -11.79 -1.92 -3.00
N ASP A 47 -11.94 -2.96 -2.25
CA ASP A 47 -10.90 -3.39 -1.34
C ASP A 47 -10.04 -4.37 -2.07
N LEU A 48 -8.80 -4.07 -2.18
CA LEU A 48 -7.87 -4.88 -2.92
C LEU A 48 -6.71 -5.23 -2.03
N GLU A 49 -6.17 -6.40 -2.17
CA GLU A 49 -5.05 -6.78 -1.37
C GLU A 49 -3.82 -6.92 -2.25
N ILE A 50 -2.70 -6.45 -1.76
CA ILE A 50 -1.47 -6.44 -2.50
C ILE A 50 -0.42 -7.14 -1.66
N SER A 51 0.43 -7.86 -2.30
CA SER A 51 1.45 -8.62 -1.62
C SER A 51 2.65 -7.74 -1.31
N LEU A 52 3.08 -7.75 -0.05
CA LEU A 52 4.25 -6.96 0.40
C LEU A 52 5.49 -7.25 -0.40
N ASP A 53 5.60 -8.48 -0.84
CA ASP A 53 6.72 -8.97 -1.65
C ASP A 53 6.82 -8.23 -2.97
N GLN A 54 5.72 -7.70 -3.44
CA GLN A 54 5.70 -7.03 -4.72
C GLN A 54 5.69 -5.52 -4.56
N ILE A 55 5.42 -5.08 -3.37
CA ILE A 55 5.45 -3.66 -3.04
C ILE A 55 6.89 -3.25 -2.77
N THR A 56 7.34 -2.21 -3.41
CA THR A 56 8.68 -1.79 -3.19
C THR A 56 8.76 -0.58 -2.26
N HIS A 57 7.89 0.41 -2.47
CA HIS A 57 7.92 1.66 -1.70
C HIS A 57 6.68 2.54 -1.94
N VAL A 58 6.49 3.50 -1.04
CA VAL A 58 5.31 4.37 -1.01
C VAL A 58 5.68 5.83 -1.33
N ASP A 59 4.87 6.45 -2.18
CA ASP A 59 5.00 7.87 -2.51
C ASP A 59 3.58 8.43 -2.64
N GLY A 60 3.42 9.73 -2.73
CA GLY A 60 2.09 10.28 -2.96
C GLY A 60 1.37 10.64 -1.69
N TRP A 61 2.13 10.79 -0.63
CA TRP A 61 1.61 11.20 0.67
C TRP A 61 0.85 12.51 0.58
N SER A 1 8.51 -5.53 7.52
CA SER A 1 9.55 -4.81 6.79
C SER A 1 9.36 -3.30 6.99
N GLU A 2 10.25 -2.49 6.41
CA GLU A 2 10.17 -1.07 6.56
C GLU A 2 8.95 -0.51 5.87
N VAL A 3 8.81 -0.81 4.57
CA VAL A 3 7.71 -0.29 3.77
C VAL A 3 6.36 -0.70 4.36
N GLU A 4 6.32 -1.87 4.94
CA GLU A 4 5.14 -2.40 5.63
C GLU A 4 4.70 -1.42 6.71
N THR A 5 5.64 -0.99 7.48
CA THR A 5 5.41 -0.10 8.60
C THR A 5 4.98 1.26 8.05
N VAL A 6 5.52 1.60 6.91
CA VAL A 6 5.26 2.88 6.29
C VAL A 6 3.86 2.90 5.68
N LEU A 7 3.46 1.77 5.12
CA LEU A 7 2.11 1.61 4.61
C LEU A 7 1.12 1.63 5.77
N ARG A 8 1.54 1.06 6.90
CA ARG A 8 0.75 1.10 8.11
C ARG A 8 0.56 2.55 8.54
N LYS A 9 1.64 3.33 8.43
CA LYS A 9 1.62 4.76 8.72
C LYS A 9 0.57 5.46 7.85
N ALA A 10 0.57 5.15 6.56
CA ALA A 10 -0.41 5.70 5.64
C ALA A 10 -1.84 5.29 6.05
N ALA A 11 -1.99 4.07 6.51
CA ALA A 11 -3.29 3.55 6.97
C ALA A 11 -3.75 4.29 8.22
N GLU A 12 -2.83 4.49 9.13
CA GLU A 12 -3.12 5.15 10.39
C GLU A 12 -3.36 6.64 10.21
N ARG A 13 -2.74 7.22 9.21
CA ARG A 13 -2.89 8.62 8.93
C ARG A 13 -4.06 8.83 7.91
N ASN A 14 -4.63 7.71 7.44
CA ASN A 14 -5.76 7.72 6.46
C ASN A 14 -5.34 8.37 5.15
N LYS A 15 -4.12 8.10 4.75
CA LYS A 15 -3.54 8.71 3.57
C LYS A 15 -3.71 7.87 2.34
N THR A 16 -4.05 8.53 1.27
CA THR A 16 -4.13 7.90 -0.01
C THR A 16 -2.78 8.11 -0.67
N VAL A 17 -2.14 7.04 -1.08
CA VAL A 17 -0.77 7.09 -1.54
C VAL A 17 -0.58 6.25 -2.80
N ASP A 18 0.57 6.42 -3.42
CA ASP A 18 0.94 5.66 -4.60
C ASP A 18 1.85 4.53 -4.18
N ILE A 19 1.50 3.34 -4.53
CA ILE A 19 2.30 2.19 -4.20
C ILE A 19 3.08 1.74 -5.43
N HIS A 20 4.37 1.55 -5.26
CA HIS A 20 5.24 1.14 -6.35
C HIS A 20 5.56 -0.32 -6.21
N THR A 21 5.34 -1.06 -7.26
CA THR A 21 5.55 -2.48 -7.24
C THR A 21 6.70 -2.90 -8.15
N LYS A 22 7.15 -4.14 -7.97
CA LYS A 22 8.20 -4.74 -8.80
C LYS A 22 7.79 -4.81 -10.26
N SER A 23 6.50 -4.87 -10.50
CA SER A 23 5.97 -4.99 -11.83
C SER A 23 5.94 -3.65 -12.56
N GLY A 24 6.48 -2.61 -11.91
CA GLY A 24 6.51 -1.28 -12.49
C GLY A 24 5.15 -0.64 -12.46
N THR A 25 4.31 -1.17 -11.62
CA THR A 25 2.97 -0.70 -11.50
C THR A 25 2.86 0.24 -10.30
N THR A 26 2.25 1.38 -10.52
CA THR A 26 2.03 2.35 -9.48
C THR A 26 0.55 2.69 -9.42
N VAL A 27 -0.05 2.38 -8.31
CA VAL A 27 -1.45 2.64 -8.12
C VAL A 27 -1.64 3.52 -6.91
N ARG A 28 -2.53 4.48 -7.02
CA ARG A 28 -2.84 5.32 -5.90
C ARG A 28 -4.07 4.79 -5.23
N VAL A 29 -3.88 4.37 -4.03
CA VAL A 29 -4.89 3.71 -3.25
C VAL A 29 -4.81 4.18 -1.82
N ASN A 30 -5.83 3.89 -1.07
CA ASN A 30 -5.83 4.22 0.34
C ASN A 30 -5.62 2.93 1.11
N VAL A 31 -4.77 2.96 2.09
CA VAL A 31 -4.42 1.76 2.82
C VAL A 31 -5.49 1.39 3.85
N LYS A 32 -6.03 0.17 3.74
CA LYS A 32 -7.05 -0.31 4.61
C LYS A 32 -6.53 -1.24 5.70
N ARG A 33 -5.57 -2.06 5.35
CA ARG A 33 -5.02 -3.06 6.26
C ARG A 33 -3.60 -3.39 5.87
N VAL A 34 -2.76 -3.57 6.86
CA VAL A 34 -1.38 -3.92 6.67
C VAL A 34 -1.02 -5.12 7.52
N ASP A 35 -0.77 -6.20 6.84
CA ASP A 35 -0.34 -7.42 7.48
C ASP A 35 1.14 -7.56 7.22
N SER A 36 1.75 -8.56 7.79
CA SER A 36 3.16 -8.75 7.60
C SER A 36 3.49 -9.45 6.27
N LYS A 37 2.48 -9.88 5.54
CA LYS A 37 2.74 -10.57 4.28
C LYS A 37 2.17 -9.74 3.11
N SER A 38 0.99 -9.20 3.30
CA SER A 38 0.31 -8.45 2.28
C SER A 38 -0.44 -7.27 2.86
N VAL A 39 -0.87 -6.40 2.01
CA VAL A 39 -1.57 -5.20 2.39
C VAL A 39 -2.84 -5.10 1.58
N LYS A 40 -3.90 -4.73 2.24
CA LYS A 40 -5.16 -4.52 1.59
C LYS A 40 -5.41 -3.04 1.48
N VAL A 41 -5.70 -2.62 0.31
CA VAL A 41 -5.92 -1.25 0.01
C VAL A 41 -7.25 -1.06 -0.65
N GLU A 42 -7.61 0.17 -0.88
CA GLU A 42 -8.86 0.49 -1.49
C GLU A 42 -8.65 1.32 -2.73
N ARG A 43 -9.27 0.88 -3.79
CA ARG A 43 -9.32 1.61 -5.04
C ARG A 43 -10.75 1.77 -5.49
N ASN A 44 -11.24 3.01 -5.49
CA ASN A 44 -12.62 3.35 -5.93
C ASN A 44 -13.67 2.63 -5.06
N GLY A 45 -13.32 2.43 -3.81
CA GLY A 45 -14.20 1.75 -2.88
C GLY A 45 -14.04 0.24 -2.88
N GLN A 46 -13.27 -0.27 -3.83
CA GLN A 46 -13.06 -1.71 -3.97
C GLN A 46 -11.78 -2.12 -3.27
N ASP A 47 -11.80 -3.28 -2.66
CA ASP A 47 -10.63 -3.81 -1.95
C ASP A 47 -9.65 -4.38 -2.93
N LEU A 48 -8.40 -4.21 -2.64
CA LEU A 48 -7.34 -4.77 -3.42
C LEU A 48 -6.24 -5.23 -2.50
N GLU A 49 -5.84 -6.47 -2.63
CA GLU A 49 -4.79 -6.98 -1.79
C GLU A 49 -3.49 -7.00 -2.59
N ILE A 50 -2.45 -6.48 -2.00
CA ILE A 50 -1.19 -6.38 -2.65
C ILE A 50 -0.15 -7.06 -1.80
N SER A 51 0.74 -7.74 -2.44
CA SER A 51 1.76 -8.49 -1.77
C SER A 51 2.93 -7.59 -1.40
N LEU A 52 3.34 -7.64 -0.14
CA LEU A 52 4.49 -6.85 0.36
C LEU A 52 5.77 -7.28 -0.32
N ASP A 53 5.74 -8.46 -0.87
CA ASP A 53 6.87 -9.04 -1.59
C ASP A 53 7.10 -8.27 -2.87
N GLN A 54 6.04 -7.67 -3.37
CA GLN A 54 6.08 -6.97 -4.63
C GLN A 54 6.14 -5.48 -4.44
N ILE A 55 5.77 -5.04 -3.27
CA ILE A 55 5.80 -3.63 -2.95
C ILE A 55 7.23 -3.21 -2.62
N THR A 56 7.72 -2.22 -3.32
CA THR A 56 9.05 -1.75 -3.11
C THR A 56 9.09 -0.53 -2.18
N HIS A 57 8.17 0.41 -2.42
CA HIS A 57 8.12 1.68 -1.67
C HIS A 57 6.84 2.45 -1.95
N VAL A 58 6.54 3.42 -1.09
CA VAL A 58 5.32 4.23 -1.20
C VAL A 58 5.69 5.72 -1.43
N ASP A 59 4.92 6.38 -2.26
CA ASP A 59 5.10 7.80 -2.58
C ASP A 59 3.70 8.41 -2.70
N GLY A 60 3.59 9.71 -2.81
CA GLY A 60 2.31 10.31 -3.06
C GLY A 60 1.54 10.65 -1.82
N TRP A 61 2.26 10.83 -0.74
CA TRP A 61 1.68 11.22 0.54
C TRP A 61 1.01 12.60 0.45
N SER A 1 9.49 -5.62 1.87
CA SER A 1 9.29 -5.97 3.27
C SER A 1 9.20 -4.73 4.17
N GLU A 2 10.29 -3.94 4.23
CA GLU A 2 10.40 -2.74 5.12
C GLU A 2 9.27 -1.73 4.91
N VAL A 3 8.72 -1.74 3.72
CA VAL A 3 7.63 -0.88 3.29
C VAL A 3 6.39 -0.99 4.23
N GLU A 4 6.22 -2.16 4.84
CA GLU A 4 5.09 -2.46 5.76
C GLU A 4 4.91 -1.34 6.80
N THR A 5 6.01 -0.88 7.34
CA THR A 5 6.00 0.16 8.36
C THR A 5 5.45 1.47 7.76
N VAL A 6 5.76 1.67 6.52
CA VAL A 6 5.36 2.86 5.79
C VAL A 6 3.87 2.79 5.45
N LEU A 7 3.44 1.61 5.05
CA LEU A 7 2.06 1.36 4.72
C LEU A 7 1.18 1.48 5.94
N ARG A 8 1.68 1.04 7.09
CA ARG A 8 0.96 1.19 8.36
C ARG A 8 0.69 2.67 8.64
N LYS A 9 1.72 3.48 8.42
CA LYS A 9 1.64 4.94 8.57
C LYS A 9 0.52 5.53 7.70
N ALA A 10 0.50 5.15 6.43
CA ALA A 10 -0.52 5.62 5.52
C ALA A 10 -1.91 5.07 5.88
N ALA A 11 -1.97 3.80 6.27
CA ALA A 11 -3.23 3.12 6.64
C ALA A 11 -3.89 3.77 7.83
N GLU A 12 -3.08 4.14 8.80
CA GLU A 12 -3.53 4.76 10.04
C GLU A 12 -4.36 6.01 9.76
N ARG A 13 -3.94 6.77 8.79
CA ARG A 13 -4.55 8.04 8.52
C ARG A 13 -5.34 8.04 7.21
N ASN A 14 -5.52 6.85 6.62
CA ASN A 14 -6.26 6.70 5.35
C ASN A 14 -5.64 7.56 4.26
N LYS A 15 -4.32 7.58 4.23
CA LYS A 15 -3.59 8.36 3.29
C LYS A 15 -3.59 7.71 1.93
N THR A 16 -3.85 8.50 0.94
CA THR A 16 -3.78 8.04 -0.41
C THR A 16 -2.36 8.26 -0.86
N VAL A 17 -1.73 7.23 -1.34
CA VAL A 17 -0.35 7.28 -1.73
C VAL A 17 -0.13 6.51 -3.00
N ASP A 18 1.01 6.69 -3.60
CA ASP A 18 1.36 5.95 -4.78
C ASP A 18 2.17 4.77 -4.33
N ILE A 19 1.75 3.61 -4.71
CA ILE A 19 2.43 2.41 -4.34
C ILE A 19 3.22 1.89 -5.52
N HIS A 20 4.50 1.79 -5.32
CA HIS A 20 5.40 1.34 -6.34
C HIS A 20 5.70 -0.12 -6.13
N THR A 21 5.50 -0.92 -7.14
CA THR A 21 5.75 -2.33 -7.05
C THR A 21 6.93 -2.76 -7.94
N LYS A 22 7.43 -3.97 -7.69
CA LYS A 22 8.53 -4.60 -8.46
C LYS A 22 8.23 -4.66 -9.95
N SER A 23 6.97 -4.71 -10.28
CA SER A 23 6.54 -4.88 -11.66
C SER A 23 6.60 -3.56 -12.41
N GLY A 24 7.05 -2.51 -11.72
CA GLY A 24 7.11 -1.20 -12.32
C GLY A 24 5.73 -0.59 -12.34
N THR A 25 4.83 -1.18 -11.61
CA THR A 25 3.49 -0.75 -11.54
C THR A 25 3.34 0.21 -10.35
N THR A 26 2.75 1.33 -10.59
CA THR A 26 2.49 2.29 -9.56
C THR A 26 1.02 2.63 -9.57
N VAL A 27 0.36 2.38 -8.47
CA VAL A 27 -1.04 2.68 -8.32
C VAL A 27 -1.23 3.62 -7.16
N ARG A 28 -2.07 4.60 -7.32
CA ARG A 28 -2.33 5.52 -6.25
C ARG A 28 -3.64 5.13 -5.59
N VAL A 29 -3.53 4.70 -4.34
CA VAL A 29 -4.66 4.16 -3.60
C VAL A 29 -4.54 4.52 -2.12
N ASN A 30 -5.54 4.13 -1.36
CA ASN A 30 -5.59 4.35 0.09
C ASN A 30 -5.32 3.01 0.75
N VAL A 31 -4.55 2.99 1.82
CA VAL A 31 -4.20 1.73 2.50
C VAL A 31 -5.26 1.36 3.54
N LYS A 32 -5.80 0.16 3.45
CA LYS A 32 -6.86 -0.28 4.32
C LYS A 32 -6.41 -1.28 5.39
N ARG A 33 -5.54 -2.18 5.04
CA ARG A 33 -5.13 -3.24 5.95
C ARG A 33 -3.67 -3.54 5.77
N VAL A 34 -2.98 -3.76 6.87
CA VAL A 34 -1.56 -4.05 6.82
C VAL A 34 -1.22 -5.28 7.63
N ASP A 35 -0.85 -6.31 6.93
CA ASP A 35 -0.39 -7.55 7.53
C ASP A 35 0.93 -7.89 6.94
N SER A 36 1.67 -8.72 7.63
CA SER A 36 3.06 -9.06 7.28
C SER A 36 3.18 -10.06 6.12
N LYS A 37 2.22 -10.05 5.24
CA LYS A 37 2.23 -10.86 4.05
C LYS A 37 1.80 -10.01 2.88
N SER A 38 0.71 -9.32 3.07
CA SER A 38 0.13 -8.51 2.07
C SER A 38 -0.70 -7.40 2.69
N VAL A 39 -1.05 -6.44 1.89
CA VAL A 39 -1.72 -5.24 2.32
C VAL A 39 -2.93 -4.99 1.47
N LYS A 40 -4.01 -4.61 2.12
CA LYS A 40 -5.22 -4.32 1.41
C LYS A 40 -5.33 -2.85 1.24
N VAL A 41 -5.75 -2.44 0.10
CA VAL A 41 -5.88 -1.08 -0.25
C VAL A 41 -7.30 -0.82 -0.72
N GLU A 42 -7.61 0.41 -0.99
CA GLU A 42 -8.97 0.79 -1.30
C GLU A 42 -9.06 1.27 -2.73
N ARG A 43 -9.94 0.66 -3.49
CA ARG A 43 -10.24 1.10 -4.82
C ARG A 43 -11.73 1.11 -4.93
N ASN A 44 -12.31 2.25 -5.26
CA ASN A 44 -13.77 2.40 -5.39
C ASN A 44 -14.44 2.10 -4.05
N GLY A 45 -13.72 2.39 -2.97
CA GLY A 45 -14.23 2.13 -1.62
C GLY A 45 -14.12 0.65 -1.22
N GLN A 46 -13.62 -0.17 -2.10
CA GLN A 46 -13.51 -1.61 -1.85
C GLN A 46 -12.08 -1.96 -1.52
N ASP A 47 -11.87 -3.03 -0.75
CA ASP A 47 -10.54 -3.45 -0.43
C ASP A 47 -10.01 -4.41 -1.51
N LEU A 48 -8.85 -4.12 -1.99
CA LEU A 48 -8.14 -4.95 -2.94
C LEU A 48 -6.78 -5.20 -2.34
N GLU A 49 -6.23 -6.36 -2.51
CA GLU A 49 -5.00 -6.65 -1.81
C GLU A 49 -3.77 -6.70 -2.72
N ILE A 50 -2.64 -6.28 -2.16
CA ILE A 50 -1.34 -6.24 -2.81
C ILE A 50 -0.32 -6.89 -1.89
N SER A 51 0.62 -7.58 -2.44
CA SER A 51 1.60 -8.32 -1.67
C SER A 51 2.79 -7.44 -1.26
N LEU A 52 3.18 -7.52 0.03
CA LEU A 52 4.29 -6.72 0.59
C LEU A 52 5.61 -6.97 -0.10
N ASP A 53 5.78 -8.17 -0.60
CA ASP A 53 7.02 -8.56 -1.24
C ASP A 53 7.19 -7.85 -2.57
N GLN A 54 6.09 -7.47 -3.16
CA GLN A 54 6.11 -6.83 -4.45
C GLN A 54 6.11 -5.34 -4.32
N ILE A 55 5.65 -4.88 -3.19
CA ILE A 55 5.63 -3.45 -2.91
C ILE A 55 7.04 -3.02 -2.51
N THR A 56 7.60 -2.11 -3.25
CA THR A 56 8.94 -1.69 -2.96
C THR A 56 8.95 -0.42 -2.09
N HIS A 57 8.09 0.54 -2.41
CA HIS A 57 8.09 1.82 -1.69
C HIS A 57 6.85 2.65 -1.95
N VAL A 58 6.59 3.54 -1.02
CA VAL A 58 5.44 4.41 -1.02
C VAL A 58 5.87 5.85 -1.19
N ASP A 59 5.28 6.52 -2.13
CA ASP A 59 5.57 7.92 -2.37
C ASP A 59 4.26 8.61 -2.74
N GLY A 60 4.25 9.93 -2.83
CA GLY A 60 3.03 10.61 -3.22
C GLY A 60 2.10 10.86 -2.06
N TRP A 61 2.67 11.06 -0.92
CA TRP A 61 1.92 11.38 0.29
C TRP A 61 1.30 12.78 0.16
N SER A 1 8.29 -6.22 7.72
CA SER A 1 8.98 -5.82 6.51
C SER A 1 9.15 -4.30 6.48
N GLU A 2 10.12 -3.83 5.72
CA GLU A 2 10.49 -2.41 5.67
C GLU A 2 9.35 -1.52 5.19
N VAL A 3 8.91 -1.76 3.97
CA VAL A 3 7.87 -0.94 3.35
C VAL A 3 6.53 -1.09 4.10
N GLU A 4 6.33 -2.26 4.70
CA GLU A 4 5.13 -2.61 5.49
C GLU A 4 4.81 -1.51 6.50
N THR A 5 5.83 -1.05 7.15
CA THR A 5 5.70 -0.03 8.17
C THR A 5 5.19 1.27 7.54
N VAL A 6 5.59 1.49 6.32
CA VAL A 6 5.27 2.68 5.59
C VAL A 6 3.79 2.65 5.16
N LEU A 7 3.34 1.49 4.69
CA LEU A 7 1.90 1.32 4.36
C LEU A 7 1.06 1.47 5.60
N ARG A 8 1.55 0.90 6.69
CA ARG A 8 0.89 0.96 7.99
C ARG A 8 0.79 2.40 8.45
N LYS A 9 1.81 3.18 8.15
CA LYS A 9 1.86 4.56 8.52
C LYS A 9 0.80 5.36 7.77
N ALA A 10 0.62 5.05 6.51
CA ALA A 10 -0.40 5.68 5.69
C ALA A 10 -1.80 5.23 6.12
N ALA A 11 -1.95 3.93 6.40
CA ALA A 11 -3.22 3.34 6.84
C ALA A 11 -3.69 3.97 8.14
N GLU A 12 -2.73 4.25 9.01
CA GLU A 12 -2.96 4.86 10.30
C GLU A 12 -3.71 6.19 10.18
N ARG A 13 -3.46 6.92 9.12
CA ARG A 13 -4.02 8.21 8.95
C ARG A 13 -5.06 8.18 7.82
N ASN A 14 -5.33 6.98 7.28
CA ASN A 14 -6.22 6.78 6.13
C ASN A 14 -5.75 7.67 4.97
N LYS A 15 -4.47 7.56 4.70
CA LYS A 15 -3.83 8.33 3.66
C LYS A 15 -3.79 7.58 2.34
N THR A 16 -4.09 8.29 1.28
CA THR A 16 -4.01 7.76 -0.04
C THR A 16 -2.60 8.01 -0.59
N VAL A 17 -1.94 6.98 -1.03
CA VAL A 17 -0.56 7.04 -1.49
C VAL A 17 -0.37 6.16 -2.72
N ASP A 18 0.72 6.37 -3.41
CA ASP A 18 1.07 5.61 -4.59
C ASP A 18 1.89 4.45 -4.17
N ILE A 19 1.48 3.30 -4.57
CA ILE A 19 2.22 2.13 -4.29
C ILE A 19 2.99 1.72 -5.52
N HIS A 20 4.27 1.59 -5.37
CA HIS A 20 5.14 1.20 -6.46
C HIS A 20 5.48 -0.26 -6.28
N THR A 21 5.21 -1.04 -7.26
CA THR A 21 5.46 -2.46 -7.18
C THR A 21 6.67 -2.84 -8.02
N LYS A 22 7.11 -4.07 -7.84
CA LYS A 22 8.15 -4.67 -8.64
C LYS A 22 7.66 -4.95 -10.04
N SER A 23 6.35 -4.95 -10.20
CA SER A 23 5.72 -5.21 -11.46
C SER A 23 5.76 -3.95 -12.32
N GLY A 24 6.10 -2.84 -11.69
CA GLY A 24 6.17 -1.59 -12.40
C GLY A 24 4.86 -0.89 -12.39
N THR A 25 3.98 -1.30 -11.51
CA THR A 25 2.68 -0.71 -11.43
C THR A 25 2.66 0.32 -10.32
N THR A 26 2.11 1.47 -10.60
CA THR A 26 1.95 2.46 -9.60
C THR A 26 0.50 2.88 -9.55
N VAL A 27 -0.11 2.62 -8.45
CA VAL A 27 -1.48 2.97 -8.25
C VAL A 27 -1.59 3.77 -6.98
N ARG A 28 -2.32 4.86 -7.02
CA ARG A 28 -2.49 5.64 -5.85
C ARG A 28 -3.78 5.22 -5.23
N VAL A 29 -3.67 4.63 -4.09
CA VAL A 29 -4.79 4.04 -3.40
C VAL A 29 -4.72 4.38 -1.93
N ASN A 30 -5.75 4.09 -1.24
CA ASN A 30 -5.82 4.39 0.16
C ASN A 30 -5.64 3.11 0.94
N VAL A 31 -4.69 3.09 1.86
CA VAL A 31 -4.37 1.86 2.57
C VAL A 31 -5.42 1.54 3.62
N LYS A 32 -5.93 0.30 3.60
CA LYS A 32 -6.99 -0.13 4.47
C LYS A 32 -6.49 -1.07 5.57
N ARG A 33 -5.58 -1.95 5.22
CA ARG A 33 -5.09 -2.99 6.15
C ARG A 33 -3.64 -3.27 5.86
N VAL A 34 -2.89 -3.55 6.91
CA VAL A 34 -1.49 -3.93 6.79
C VAL A 34 -1.17 -5.06 7.73
N ASP A 35 -0.82 -6.16 7.17
CA ASP A 35 -0.37 -7.31 7.92
C ASP A 35 1.02 -7.59 7.49
N SER A 36 1.76 -8.32 8.27
CA SER A 36 3.13 -8.57 7.93
C SER A 36 3.24 -9.71 6.90
N LYS A 37 2.81 -9.40 5.67
CA LYS A 37 2.82 -10.31 4.54
C LYS A 37 2.20 -9.62 3.32
N SER A 38 1.10 -8.94 3.54
CA SER A 38 0.37 -8.28 2.49
C SER A 38 -0.40 -7.07 3.00
N VAL A 39 -0.86 -6.26 2.08
CA VAL A 39 -1.57 -5.04 2.37
C VAL A 39 -2.86 -4.97 1.58
N LYS A 40 -3.90 -4.53 2.22
CA LYS A 40 -5.20 -4.40 1.61
C LYS A 40 -5.43 -2.92 1.42
N VAL A 41 -5.74 -2.54 0.22
CA VAL A 41 -5.89 -1.15 -0.11
C VAL A 41 -7.24 -0.88 -0.75
N GLU A 42 -7.55 0.36 -0.90
CA GLU A 42 -8.81 0.80 -1.42
C GLU A 42 -8.58 1.55 -2.72
N ARG A 43 -9.13 1.03 -3.80
CA ARG A 43 -9.14 1.73 -5.05
C ARG A 43 -10.58 1.91 -5.49
N ASN A 44 -11.06 3.15 -5.42
CA ASN A 44 -12.44 3.52 -5.83
C ASN A 44 -13.48 2.73 -5.03
N GLY A 45 -13.16 2.45 -3.78
CA GLY A 45 -14.06 1.73 -2.88
C GLY A 45 -13.88 0.24 -2.95
N GLN A 46 -13.01 -0.20 -3.83
CA GLN A 46 -12.74 -1.60 -3.99
C GLN A 46 -11.51 -1.95 -3.17
N ASP A 47 -11.60 -3.00 -2.43
CA ASP A 47 -10.47 -3.47 -1.66
C ASP A 47 -9.61 -4.39 -2.49
N LEU A 48 -8.36 -4.10 -2.51
CA LEU A 48 -7.39 -4.82 -3.28
C LEU A 48 -6.29 -5.30 -2.36
N GLU A 49 -5.81 -6.49 -2.57
CA GLU A 49 -4.75 -7.00 -1.73
C GLU A 49 -3.45 -7.06 -2.53
N ILE A 50 -2.40 -6.56 -1.96
CA ILE A 50 -1.10 -6.53 -2.60
C ILE A 50 -0.10 -7.16 -1.68
N SER A 51 0.83 -7.86 -2.26
CA SER A 51 1.86 -8.54 -1.51
C SER A 51 2.97 -7.56 -1.16
N LEU A 52 3.37 -7.54 0.11
CA LEU A 52 4.43 -6.63 0.59
C LEU A 52 5.74 -6.84 -0.14
N ASP A 53 6.02 -8.07 -0.46
CA ASP A 53 7.27 -8.41 -1.15
C ASP A 53 7.28 -7.85 -2.56
N GLN A 54 6.12 -7.56 -3.10
CA GLN A 54 6.02 -7.02 -4.44
C GLN A 54 6.06 -5.51 -4.39
N ILE A 55 5.73 -4.98 -3.25
CA ILE A 55 5.75 -3.54 -3.03
C ILE A 55 7.18 -3.09 -2.78
N THR A 56 7.64 -2.10 -3.51
CA THR A 56 8.97 -1.61 -3.34
C THR A 56 9.02 -0.37 -2.45
N HIS A 57 8.11 0.58 -2.68
CA HIS A 57 8.12 1.86 -1.96
C HIS A 57 6.84 2.65 -2.12
N VAL A 58 6.57 3.49 -1.13
CA VAL A 58 5.38 4.34 -1.06
C VAL A 58 5.74 5.79 -1.34
N ASP A 59 4.96 6.42 -2.18
CA ASP A 59 5.11 7.85 -2.44
C ASP A 59 3.71 8.42 -2.58
N GLY A 60 3.57 9.72 -2.64
CA GLY A 60 2.24 10.28 -2.84
C GLY A 60 1.54 10.63 -1.55
N TRP A 61 2.33 10.85 -0.51
CA TRP A 61 1.79 11.28 0.79
C TRP A 61 1.14 12.65 0.65
N SER A 1 8.82 -5.27 7.54
CA SER A 1 10.01 -4.61 8.03
C SER A 1 10.00 -3.08 7.80
N GLU A 2 10.39 -2.66 6.60
CA GLU A 2 10.51 -1.23 6.31
C GLU A 2 9.25 -0.64 5.68
N VAL A 3 9.02 -0.92 4.38
CA VAL A 3 7.88 -0.35 3.65
C VAL A 3 6.55 -0.73 4.32
N GLU A 4 6.53 -1.89 4.91
CA GLU A 4 5.41 -2.41 5.68
C GLU A 4 4.98 -1.40 6.74
N THR A 5 5.94 -0.91 7.45
CA THR A 5 5.73 0.02 8.50
C THR A 5 5.30 1.36 7.92
N VAL A 6 5.81 1.65 6.76
CA VAL A 6 5.54 2.91 6.11
C VAL A 6 4.11 2.92 5.55
N LEU A 7 3.68 1.77 5.06
CA LEU A 7 2.31 1.57 4.62
C LEU A 7 1.38 1.62 5.81
N ARG A 8 1.83 1.02 6.91
CA ARG A 8 1.12 1.05 8.18
C ARG A 8 0.91 2.50 8.61
N LYS A 9 1.96 3.28 8.45
CA LYS A 9 1.98 4.72 8.71
C LYS A 9 0.91 5.45 7.88
N ALA A 10 0.90 5.17 6.58
CA ALA A 10 -0.09 5.74 5.68
C ALA A 10 -1.50 5.33 6.09
N ALA A 11 -1.65 4.09 6.51
CA ALA A 11 -2.92 3.55 6.95
C ALA A 11 -3.39 4.24 8.22
N GLU A 12 -2.45 4.47 9.16
CA GLU A 12 -2.75 5.16 10.42
C GLU A 12 -3.28 6.54 10.16
N ARG A 13 -2.74 7.17 9.15
CA ARG A 13 -3.12 8.52 8.78
C ARG A 13 -4.29 8.53 7.80
N ASN A 14 -4.78 7.32 7.43
CA ASN A 14 -5.93 7.15 6.51
C ASN A 14 -5.60 7.79 5.15
N LYS A 15 -4.34 7.75 4.79
CA LYS A 15 -3.83 8.39 3.60
C LYS A 15 -4.06 7.58 2.36
N THR A 16 -4.31 8.29 1.29
CA THR A 16 -4.31 7.75 0.01
C THR A 16 -2.94 8.02 -0.58
N VAL A 17 -2.31 6.99 -1.03
CA VAL A 17 -0.94 7.07 -1.49
C VAL A 17 -0.80 6.25 -2.75
N ASP A 18 0.32 6.40 -3.41
CA ASP A 18 0.61 5.64 -4.57
C ASP A 18 1.57 4.55 -4.19
N ILE A 19 1.23 3.35 -4.48
CA ILE A 19 2.09 2.24 -4.20
C ILE A 19 2.82 1.85 -5.45
N HIS A 20 4.09 1.65 -5.31
CA HIS A 20 4.93 1.24 -6.40
C HIS A 20 5.19 -0.23 -6.25
N THR A 21 4.91 -0.97 -7.28
CA THR A 21 5.06 -2.39 -7.22
C THR A 21 6.34 -2.81 -7.89
N LYS A 22 6.64 -4.08 -7.75
CA LYS A 22 7.77 -4.72 -8.37
C LYS A 22 7.53 -4.85 -9.88
N SER A 23 6.27 -4.75 -10.26
CA SER A 23 5.88 -4.86 -11.63
C SER A 23 6.02 -3.50 -12.33
N GLY A 24 6.37 -2.49 -11.55
CA GLY A 24 6.56 -1.17 -12.08
C GLY A 24 5.27 -0.41 -12.20
N THR A 25 4.26 -0.86 -11.50
CA THR A 25 2.98 -0.21 -11.54
C THR A 25 2.83 0.73 -10.36
N THR A 26 2.14 1.81 -10.57
CA THR A 26 1.90 2.77 -9.54
C THR A 26 0.39 2.98 -9.41
N VAL A 27 -0.14 2.70 -8.24
CA VAL A 27 -1.57 2.81 -8.02
C VAL A 27 -1.91 3.68 -6.80
N ARG A 28 -2.88 4.56 -6.97
CA ARG A 28 -3.37 5.41 -5.89
C ARG A 28 -4.41 4.66 -5.12
N VAL A 29 -4.10 4.36 -3.90
CA VAL A 29 -4.94 3.54 -3.07
C VAL A 29 -5.02 4.12 -1.67
N ASN A 30 -5.98 3.65 -0.91
CA ASN A 30 -6.07 3.98 0.50
C ASN A 30 -5.63 2.76 1.26
N VAL A 31 -4.66 2.90 2.14
CA VAL A 31 -4.15 1.75 2.87
C VAL A 31 -5.09 1.41 4.01
N LYS A 32 -5.65 0.21 3.97
CA LYS A 32 -6.60 -0.19 4.93
C LYS A 32 -6.06 -1.16 5.98
N ARG A 33 -5.24 -2.10 5.57
CA ARG A 33 -4.75 -3.08 6.49
C ARG A 33 -3.34 -3.46 6.15
N VAL A 34 -2.48 -3.52 7.14
CA VAL A 34 -1.10 -3.90 6.93
C VAL A 34 -0.75 -5.11 7.75
N ASP A 35 -0.51 -6.18 7.06
CA ASP A 35 -0.03 -7.41 7.67
C ASP A 35 1.40 -7.54 7.32
N SER A 36 2.08 -8.49 7.91
CA SER A 36 3.48 -8.66 7.62
C SER A 36 3.70 -9.48 6.31
N LYS A 37 2.61 -9.85 5.66
CA LYS A 37 2.67 -10.60 4.41
C LYS A 37 2.08 -9.78 3.27
N SER A 38 0.99 -9.11 3.53
CA SER A 38 0.31 -8.37 2.51
C SER A 38 -0.42 -7.17 3.10
N VAL A 39 -0.85 -6.31 2.25
CA VAL A 39 -1.52 -5.11 2.61
C VAL A 39 -2.80 -4.99 1.81
N LYS A 40 -3.84 -4.63 2.49
CA LYS A 40 -5.11 -4.46 1.89
C LYS A 40 -5.36 -2.98 1.68
N VAL A 41 -5.67 -2.64 0.50
CA VAL A 41 -5.87 -1.28 0.11
C VAL A 41 -7.17 -1.17 -0.66
N GLU A 42 -7.54 0.03 -1.02
CA GLU A 42 -8.74 0.26 -1.78
C GLU A 42 -8.48 1.26 -2.89
N ARG A 43 -8.97 0.95 -4.08
CA ARG A 43 -8.88 1.84 -5.23
C ARG A 43 -10.18 1.80 -6.02
N ASN A 44 -10.66 2.97 -6.40
CA ASN A 44 -11.91 3.15 -7.18
C ASN A 44 -13.08 2.57 -6.44
N GLY A 45 -13.02 2.63 -5.12
CA GLY A 45 -14.08 2.12 -4.28
C GLY A 45 -14.01 0.61 -4.09
N GLN A 46 -13.06 -0.03 -4.75
CA GLN A 46 -12.93 -1.47 -4.66
C GLN A 46 -11.69 -1.85 -3.90
N ASP A 47 -11.77 -2.91 -3.17
CA ASP A 47 -10.66 -3.36 -2.33
C ASP A 47 -9.67 -4.15 -3.14
N LEU A 48 -8.43 -4.04 -2.77
CA LEU A 48 -7.37 -4.76 -3.42
C LEU A 48 -6.34 -5.17 -2.39
N GLU A 49 -5.86 -6.38 -2.45
CA GLU A 49 -4.84 -6.80 -1.52
C GLU A 49 -3.56 -7.00 -2.29
N ILE A 50 -2.49 -6.49 -1.76
CA ILE A 50 -1.22 -6.55 -2.41
C ILE A 50 -0.24 -7.17 -1.48
N SER A 51 0.60 -7.99 -2.00
CA SER A 51 1.59 -8.64 -1.19
C SER A 51 2.81 -7.77 -1.03
N LEU A 52 3.34 -7.72 0.18
CA LEU A 52 4.49 -6.90 0.52
C LEU A 52 5.73 -7.25 -0.27
N ASP A 53 5.78 -8.47 -0.76
CA ASP A 53 6.88 -8.93 -1.59
C ASP A 53 6.84 -8.25 -2.96
N GLN A 54 5.65 -7.84 -3.37
CA GLN A 54 5.45 -7.21 -4.68
C GLN A 54 5.52 -5.70 -4.55
N ILE A 55 5.44 -5.23 -3.35
CA ILE A 55 5.53 -3.80 -3.09
C ILE A 55 6.98 -3.38 -2.92
N THR A 56 7.38 -2.30 -3.57
CA THR A 56 8.72 -1.83 -3.42
C THR A 56 8.78 -0.66 -2.44
N HIS A 57 7.87 0.30 -2.58
CA HIS A 57 7.85 1.51 -1.72
C HIS A 57 6.58 2.34 -1.98
N VAL A 58 6.28 3.24 -1.05
CA VAL A 58 5.09 4.09 -1.13
C VAL A 58 5.45 5.58 -1.29
N ASP A 59 4.72 6.25 -2.16
CA ASP A 59 4.88 7.67 -2.45
C ASP A 59 3.49 8.29 -2.64
N GLY A 60 3.38 9.59 -2.72
CA GLY A 60 2.08 10.19 -2.98
C GLY A 60 1.38 10.58 -1.72
N TRP A 61 2.15 10.78 -0.69
CA TRP A 61 1.67 11.19 0.61
C TRP A 61 0.98 12.56 0.53
N SER A 1 9.49 -5.99 6.78
CA SER A 1 9.85 -5.03 5.77
C SER A 1 9.64 -3.61 6.29
N GLU A 2 10.50 -2.69 5.87
CA GLU A 2 10.41 -1.30 6.29
C GLU A 2 9.23 -0.61 5.64
N VAL A 3 8.99 -0.92 4.36
CA VAL A 3 7.88 -0.32 3.62
C VAL A 3 6.54 -0.65 4.30
N GLU A 4 6.47 -1.82 4.92
CA GLU A 4 5.30 -2.28 5.66
C GLU A 4 4.93 -1.26 6.74
N THR A 5 5.93 -0.75 7.41
CA THR A 5 5.76 0.20 8.46
C THR A 5 5.24 1.52 7.87
N VAL A 6 5.70 1.78 6.66
CA VAL A 6 5.35 2.99 5.95
C VAL A 6 3.89 2.90 5.49
N LEU A 7 3.51 1.70 5.07
CA LEU A 7 2.15 1.40 4.68
C LEU A 7 1.22 1.52 5.88
N ARG A 8 1.67 1.04 7.03
CA ARG A 8 0.87 1.17 8.25
C ARG A 8 0.75 2.64 8.63
N LYS A 9 1.81 3.39 8.42
CA LYS A 9 1.81 4.81 8.68
C LYS A 9 0.74 5.49 7.84
N ALA A 10 0.71 5.13 6.59
CA ALA A 10 -0.30 5.62 5.66
C ALA A 10 -1.69 5.19 6.09
N ALA A 11 -1.84 3.92 6.46
CA ALA A 11 -3.11 3.35 6.92
C ALA A 11 -3.64 4.08 8.15
N GLU A 12 -2.76 4.30 9.10
CA GLU A 12 -3.08 4.95 10.36
C GLU A 12 -3.58 6.38 10.10
N ARG A 13 -2.95 7.05 9.15
CA ARG A 13 -3.35 8.41 8.80
C ARG A 13 -4.46 8.44 7.75
N ASN A 14 -4.90 7.25 7.29
CA ASN A 14 -5.93 7.13 6.25
C ASN A 14 -5.49 7.85 4.98
N LYS A 15 -4.19 7.80 4.73
CA LYS A 15 -3.56 8.45 3.61
C LYS A 15 -3.79 7.72 2.31
N THR A 16 -3.97 8.47 1.27
CA THR A 16 -4.03 7.95 -0.03
C THR A 16 -2.62 8.04 -0.58
N VAL A 17 -2.08 6.95 -1.02
CA VAL A 17 -0.69 6.93 -1.45
C VAL A 17 -0.53 6.20 -2.74
N ASP A 18 0.56 6.45 -3.41
CA ASP A 18 0.87 5.74 -4.62
C ASP A 18 1.77 4.60 -4.25
N ILE A 19 1.37 3.43 -4.62
CA ILE A 19 2.13 2.25 -4.33
C ILE A 19 2.84 1.78 -5.56
N HIS A 20 4.11 1.52 -5.41
CA HIS A 20 4.95 1.10 -6.49
C HIS A 20 5.25 -0.37 -6.35
N THR A 21 4.85 -1.16 -7.32
CA THR A 21 5.08 -2.57 -7.26
C THR A 21 6.17 -3.02 -8.26
N LYS A 22 6.64 -4.25 -8.07
CA LYS A 22 7.70 -4.90 -8.89
C LYS A 22 7.39 -4.86 -10.40
N SER A 23 6.13 -4.83 -10.75
CA SER A 23 5.71 -4.86 -12.14
C SER A 23 5.82 -3.48 -12.78
N GLY A 24 6.18 -2.50 -11.97
CA GLY A 24 6.27 -1.15 -12.45
C GLY A 24 4.95 -0.46 -12.35
N THR A 25 4.08 -1.05 -11.60
CA THR A 25 2.76 -0.55 -11.42
C THR A 25 2.76 0.48 -10.30
N THR A 26 2.17 1.61 -10.56
CA THR A 26 1.97 2.60 -9.57
C THR A 26 0.49 2.91 -9.50
N VAL A 27 -0.12 2.62 -8.39
CA VAL A 27 -1.52 2.88 -8.21
C VAL A 27 -1.73 3.69 -6.96
N ARG A 28 -2.59 4.66 -7.06
CA ARG A 28 -2.92 5.49 -5.95
C ARG A 28 -4.10 4.90 -5.23
N VAL A 29 -3.87 4.46 -4.03
CA VAL A 29 -4.87 3.77 -3.25
C VAL A 29 -4.83 4.22 -1.80
N ASN A 30 -5.84 3.86 -1.07
CA ASN A 30 -5.92 4.16 0.34
C ASN A 30 -5.63 2.88 1.10
N VAL A 31 -4.74 2.91 2.05
CA VAL A 31 -4.37 1.69 2.76
C VAL A 31 -5.45 1.29 3.77
N LYS A 32 -5.96 0.06 3.63
CA LYS A 32 -7.02 -0.46 4.45
C LYS A 32 -6.48 -1.30 5.60
N ARG A 33 -5.45 -2.07 5.34
CA ARG A 33 -4.91 -2.98 6.34
C ARG A 33 -3.46 -3.30 6.05
N VAL A 34 -2.66 -3.44 7.10
CA VAL A 34 -1.27 -3.82 6.97
C VAL A 34 -0.94 -4.95 7.92
N ASP A 35 -0.49 -6.04 7.35
CA ASP A 35 0.01 -7.19 8.12
C ASP A 35 1.23 -7.72 7.45
N SER A 36 2.01 -8.49 8.18
CA SER A 36 3.22 -9.05 7.64
C SER A 36 2.91 -10.29 6.81
N LYS A 37 2.60 -10.05 5.54
CA LYS A 37 2.30 -11.07 4.54
C LYS A 37 1.86 -10.30 3.30
N SER A 38 0.89 -9.46 3.49
CA SER A 38 0.32 -8.66 2.45
C SER A 38 -0.42 -7.46 3.04
N VAL A 39 -0.77 -6.53 2.20
CA VAL A 39 -1.42 -5.32 2.61
C VAL A 39 -2.65 -5.10 1.78
N LYS A 40 -3.69 -4.70 2.43
CA LYS A 40 -4.94 -4.50 1.79
C LYS A 40 -5.14 -3.02 1.59
N VAL A 41 -5.51 -2.67 0.41
CA VAL A 41 -5.70 -1.29 0.04
C VAL A 41 -7.05 -1.11 -0.63
N GLU A 42 -7.41 0.11 -0.83
CA GLU A 42 -8.65 0.43 -1.46
C GLU A 42 -8.34 1.21 -2.72
N ARG A 43 -8.73 0.67 -3.84
CA ARG A 43 -8.53 1.30 -5.11
C ARG A 43 -9.83 1.60 -5.77
N ASN A 44 -10.12 2.88 -5.97
CA ASN A 44 -11.31 3.32 -6.70
C ASN A 44 -12.57 2.78 -5.97
N GLY A 45 -12.47 2.67 -4.65
CA GLY A 45 -13.57 2.18 -3.84
C GLY A 45 -13.71 0.67 -3.88
N GLN A 46 -12.67 -0.02 -4.30
CA GLN A 46 -12.66 -1.46 -4.36
C GLN A 46 -11.49 -1.92 -3.51
N ASP A 47 -11.71 -2.87 -2.64
CA ASP A 47 -10.64 -3.36 -1.76
C ASP A 47 -9.81 -4.40 -2.48
N LEU A 48 -8.52 -4.21 -2.44
CA LEU A 48 -7.60 -5.08 -3.12
C LEU A 48 -6.45 -5.40 -2.17
N GLU A 49 -5.98 -6.62 -2.20
CA GLU A 49 -4.88 -6.96 -1.34
C GLU A 49 -3.62 -7.12 -2.18
N ILE A 50 -2.54 -6.57 -1.72
CA ILE A 50 -1.29 -6.54 -2.44
C ILE A 50 -0.24 -7.20 -1.58
N SER A 51 0.63 -7.90 -2.19
CA SER A 51 1.66 -8.61 -1.49
C SER A 51 2.80 -7.65 -1.14
N LEU A 52 3.30 -7.75 0.10
CA LEU A 52 4.41 -6.93 0.57
C LEU A 52 5.65 -7.10 -0.28
N ASP A 53 5.78 -8.26 -0.83
CA ASP A 53 6.91 -8.62 -1.68
C ASP A 53 6.91 -7.82 -2.95
N GLN A 54 5.73 -7.39 -3.36
CA GLN A 54 5.59 -6.68 -4.60
C GLN A 54 5.70 -5.21 -4.39
N ILE A 55 5.42 -4.80 -3.19
CA ILE A 55 5.48 -3.41 -2.84
C ILE A 55 6.92 -3.00 -2.58
N THR A 56 7.43 -2.10 -3.38
CA THR A 56 8.77 -1.66 -3.22
C THR A 56 8.83 -0.40 -2.35
N HIS A 57 7.88 0.52 -2.56
CA HIS A 57 7.88 1.78 -1.81
C HIS A 57 6.58 2.58 -2.00
N VAL A 58 6.35 3.48 -1.07
CA VAL A 58 5.18 4.35 -0.99
C VAL A 58 5.56 5.76 -1.42
N ASP A 59 4.71 6.41 -2.19
CA ASP A 59 4.99 7.78 -2.59
C ASP A 59 3.70 8.60 -2.58
N GLY A 60 3.81 9.90 -2.70
CA GLY A 60 2.66 10.73 -2.80
C GLY A 60 2.24 11.31 -1.48
N TRP A 61 1.59 10.47 -0.69
CA TRP A 61 1.03 10.83 0.63
C TRP A 61 0.01 11.98 0.55
N SER A 1 14.46 -0.46 6.03
CA SER A 1 13.72 -1.56 5.46
C SER A 1 12.25 -1.48 5.92
N GLU A 2 11.44 -2.44 5.48
CA GLU A 2 10.03 -2.57 5.83
C GLU A 2 9.17 -1.46 5.24
N VAL A 3 8.58 -1.74 4.10
CA VAL A 3 7.62 -0.86 3.49
C VAL A 3 6.33 -0.90 4.33
N GLU A 4 6.12 -2.06 4.97
CA GLU A 4 4.98 -2.32 5.85
C GLU A 4 4.78 -1.19 6.84
N THR A 5 5.85 -0.75 7.43
CA THR A 5 5.81 0.28 8.45
C THR A 5 5.28 1.59 7.83
N VAL A 6 5.65 1.79 6.59
CA VAL A 6 5.31 2.99 5.84
C VAL A 6 3.84 2.94 5.42
N LEU A 7 3.43 1.79 4.91
CA LEU A 7 2.03 1.57 4.52
C LEU A 7 1.13 1.64 5.73
N ARG A 8 1.62 1.12 6.83
CA ARG A 8 0.94 1.19 8.11
C ARG A 8 0.71 2.65 8.49
N LYS A 9 1.73 3.46 8.25
CA LYS A 9 1.69 4.86 8.57
C LYS A 9 0.65 5.57 7.69
N ALA A 10 0.63 5.21 6.44
CA ALA A 10 -0.34 5.74 5.50
C ALA A 10 -1.76 5.32 5.91
N ALA A 11 -1.93 4.03 6.20
CA ALA A 11 -3.23 3.47 6.62
C ALA A 11 -3.74 4.16 7.87
N GLU A 12 -2.82 4.40 8.78
CA GLU A 12 -3.09 5.02 10.05
C GLU A 12 -3.76 6.39 9.89
N ARG A 13 -3.36 7.14 8.89
CA ARG A 13 -3.91 8.47 8.68
C ARG A 13 -4.87 8.50 7.47
N ASN A 14 -5.17 7.31 6.95
CA ASN A 14 -6.08 7.12 5.78
C ASN A 14 -5.55 7.84 4.56
N LYS A 15 -4.26 7.77 4.40
CA LYS A 15 -3.57 8.40 3.31
C LYS A 15 -3.74 7.67 2.00
N THR A 16 -4.05 8.41 0.97
CA THR A 16 -4.03 7.89 -0.35
C THR A 16 -2.59 8.09 -0.82
N VAL A 17 -1.96 7.04 -1.27
CA VAL A 17 -0.57 7.08 -1.66
C VAL A 17 -0.35 6.23 -2.89
N ASP A 18 0.78 6.41 -3.52
CA ASP A 18 1.17 5.60 -4.64
C ASP A 18 1.96 4.45 -4.14
N ILE A 19 1.54 3.28 -4.49
CA ILE A 19 2.25 2.10 -4.12
C ILE A 19 3.03 1.62 -5.31
N HIS A 20 4.32 1.51 -5.14
CA HIS A 20 5.19 1.10 -6.21
C HIS A 20 5.52 -0.35 -6.05
N THR A 21 5.30 -1.10 -7.07
CA THR A 21 5.59 -2.51 -7.05
C THR A 21 6.83 -2.82 -7.88
N LYS A 22 7.39 -3.99 -7.68
CA LYS A 22 8.60 -4.45 -8.33
C LYS A 22 8.46 -4.59 -9.84
N SER A 23 7.24 -4.75 -10.31
CA SER A 23 7.01 -4.88 -11.74
C SER A 23 7.01 -3.51 -12.39
N GLY A 24 7.04 -2.46 -11.58
CA GLY A 24 7.03 -1.12 -12.08
C GLY A 24 5.64 -0.54 -12.05
N THR A 25 4.71 -1.28 -11.52
CA THR A 25 3.34 -0.85 -11.48
C THR A 25 3.17 0.09 -10.28
N THR A 26 2.57 1.24 -10.50
CA THR A 26 2.32 2.18 -9.46
C THR A 26 0.84 2.54 -9.44
N VAL A 27 0.17 2.20 -8.38
CA VAL A 27 -1.24 2.48 -8.25
C VAL A 27 -1.42 3.37 -7.04
N ARG A 28 -2.24 4.38 -7.16
CA ARG A 28 -2.45 5.31 -6.07
C ARG A 28 -3.76 4.95 -5.40
N VAL A 29 -3.67 4.52 -4.16
CA VAL A 29 -4.80 3.98 -3.42
C VAL A 29 -4.76 4.43 -1.97
N ASN A 30 -5.78 4.09 -1.23
CA ASN A 30 -5.85 4.37 0.21
C ASN A 30 -5.60 3.04 0.91
N VAL A 31 -4.71 3.02 1.87
CA VAL A 31 -4.35 1.78 2.53
C VAL A 31 -5.34 1.44 3.66
N LYS A 32 -5.92 0.25 3.61
CA LYS A 32 -6.89 -0.17 4.60
C LYS A 32 -6.32 -1.12 5.65
N ARG A 33 -5.49 -2.03 5.24
CA ARG A 33 -4.98 -3.05 6.16
C ARG A 33 -3.56 -3.36 5.86
N VAL A 34 -2.78 -3.56 6.90
CA VAL A 34 -1.40 -3.89 6.74
C VAL A 34 -1.03 -5.09 7.59
N ASP A 35 -0.62 -6.13 6.92
CA ASP A 35 -0.09 -7.33 7.55
C ASP A 35 1.31 -7.55 7.04
N SER A 36 2.00 -8.57 7.52
CA SER A 36 3.42 -8.76 7.16
C SER A 36 3.68 -9.45 5.81
N LYS A 37 2.64 -9.89 5.12
CA LYS A 37 2.83 -10.45 3.78
C LYS A 37 2.03 -9.76 2.72
N SER A 38 0.93 -9.18 3.07
CA SER A 38 0.15 -8.46 2.13
C SER A 38 -0.56 -7.29 2.76
N VAL A 39 -1.03 -6.42 1.92
CA VAL A 39 -1.72 -5.23 2.31
C VAL A 39 -2.99 -5.11 1.54
N LYS A 40 -4.04 -4.73 2.22
CA LYS A 40 -5.30 -4.52 1.58
C LYS A 40 -5.50 -3.04 1.45
N VAL A 41 -5.85 -2.63 0.30
CA VAL A 41 -6.01 -1.24 0.01
C VAL A 41 -7.37 -1.00 -0.55
N GLU A 42 -7.69 0.23 -0.76
CA GLU A 42 -8.97 0.60 -1.24
C GLU A 42 -8.84 1.26 -2.60
N ARG A 43 -9.67 0.83 -3.52
CA ARG A 43 -9.80 1.51 -4.78
C ARG A 43 -11.24 1.77 -5.01
N ASN A 44 -11.63 3.04 -4.94
CA ASN A 44 -13.01 3.47 -5.20
C ASN A 44 -13.96 2.83 -4.21
N GLY A 45 -13.47 2.60 -3.01
CA GLY A 45 -14.25 1.99 -1.97
C GLY A 45 -14.16 0.46 -1.96
N GLN A 46 -13.52 -0.11 -2.96
CA GLN A 46 -13.42 -1.56 -3.06
C GLN A 46 -12.09 -2.02 -2.44
N ASP A 47 -12.09 -3.22 -1.88
CA ASP A 47 -10.89 -3.76 -1.24
C ASP A 47 -10.02 -4.43 -2.29
N LEU A 48 -8.76 -4.09 -2.30
CA LEU A 48 -7.83 -4.69 -3.22
C LEU A 48 -6.67 -5.26 -2.41
N GLU A 49 -6.10 -6.35 -2.85
CA GLU A 49 -5.02 -6.99 -2.13
C GLU A 49 -3.71 -6.80 -2.89
N ILE A 50 -2.67 -6.41 -2.20
CA ILE A 50 -1.37 -6.28 -2.81
C ILE A 50 -0.35 -7.01 -1.94
N SER A 51 0.57 -7.66 -2.57
CA SER A 51 1.55 -8.47 -1.90
C SER A 51 2.77 -7.62 -1.50
N LEU A 52 3.16 -7.70 -0.22
CA LEU A 52 4.29 -6.91 0.29
C LEU A 52 5.61 -7.25 -0.36
N ASP A 53 5.76 -8.47 -0.81
CA ASP A 53 7.00 -8.90 -1.45
C ASP A 53 7.10 -8.36 -2.85
N GLN A 54 6.05 -7.74 -3.32
CA GLN A 54 6.03 -7.11 -4.61
C GLN A 54 6.11 -5.61 -4.45
N ILE A 55 5.74 -5.13 -3.31
CA ILE A 55 5.76 -3.71 -3.02
C ILE A 55 7.18 -3.27 -2.67
N THR A 56 7.65 -2.21 -3.32
CA THR A 56 8.98 -1.74 -3.08
C THR A 56 9.00 -0.48 -2.18
N HIS A 57 8.05 0.44 -2.39
CA HIS A 57 8.05 1.71 -1.61
C HIS A 57 6.77 2.54 -1.82
N VAL A 58 6.55 3.46 -0.89
CA VAL A 58 5.38 4.35 -0.87
C VAL A 58 5.76 5.76 -1.30
N ASP A 59 4.93 6.37 -2.11
CA ASP A 59 5.13 7.77 -2.50
C ASP A 59 3.75 8.43 -2.57
N GLY A 60 3.70 9.73 -2.72
CA GLY A 60 2.41 10.39 -2.95
C GLY A 60 1.59 10.63 -1.71
N TRP A 61 2.28 10.83 -0.60
CA TRP A 61 1.62 11.14 0.69
C TRP A 61 0.72 12.37 0.60
N SER A 1 11.37 -4.61 8.09
CA SER A 1 10.18 -4.39 7.28
C SER A 1 9.91 -2.90 7.15
N GLU A 2 10.49 -2.32 6.13
CA GLU A 2 10.46 -0.90 5.96
C GLU A 2 9.15 -0.43 5.40
N VAL A 3 8.80 -0.90 4.21
CA VAL A 3 7.59 -0.45 3.55
C VAL A 3 6.34 -0.84 4.35
N GLU A 4 6.41 -1.97 5.04
CA GLU A 4 5.34 -2.42 5.94
C GLU A 4 4.99 -1.32 6.93
N THR A 5 6.02 -0.73 7.47
CA THR A 5 5.90 0.33 8.46
C THR A 5 5.31 1.58 7.80
N VAL A 6 5.66 1.76 6.55
CA VAL A 6 5.27 2.92 5.79
C VAL A 6 3.79 2.83 5.42
N LEU A 7 3.39 1.66 4.98
CA LEU A 7 2.00 1.39 4.63
C LEU A 7 1.12 1.49 5.86
N ARG A 8 1.60 0.95 6.97
CA ARG A 8 0.89 1.02 8.23
C ARG A 8 0.65 2.48 8.61
N LYS A 9 1.66 3.30 8.41
CA LYS A 9 1.61 4.73 8.69
C LYS A 9 0.59 5.42 7.80
N ALA A 10 0.63 5.13 6.51
CA ALA A 10 -0.30 5.70 5.53
C ALA A 10 -1.75 5.41 5.90
N ALA A 11 -2.00 4.17 6.31
CA ALA A 11 -3.33 3.72 6.69
C ALA A 11 -3.88 4.52 7.88
N GLU A 12 -3.00 4.98 8.74
CA GLU A 12 -3.36 5.69 9.95
C GLU A 12 -4.08 7.03 9.70
N ARG A 13 -3.74 7.69 8.60
CA ARG A 13 -4.43 8.93 8.25
C ARG A 13 -5.30 8.73 7.03
N ASN A 14 -5.48 7.46 6.62
CA ASN A 14 -6.27 7.10 5.42
C ASN A 14 -5.64 7.76 4.21
N LYS A 15 -4.34 7.75 4.19
CA LYS A 15 -3.58 8.36 3.12
C LYS A 15 -3.68 7.59 1.85
N THR A 16 -4.15 8.25 0.84
CA THR A 16 -4.15 7.69 -0.44
C THR A 16 -2.75 7.93 -0.96
N VAL A 17 -2.09 6.89 -1.36
CA VAL A 17 -0.70 6.98 -1.73
C VAL A 17 -0.44 6.19 -2.99
N ASP A 18 0.70 6.42 -3.58
CA ASP A 18 1.12 5.69 -4.73
C ASP A 18 1.96 4.54 -4.27
N ILE A 19 1.60 3.38 -4.67
CA ILE A 19 2.34 2.21 -4.32
C ILE A 19 3.14 1.75 -5.50
N HIS A 20 4.44 1.72 -5.31
CA HIS A 20 5.34 1.30 -6.35
C HIS A 20 5.57 -0.17 -6.20
N THR A 21 5.36 -0.90 -7.25
CA THR A 21 5.45 -2.33 -7.18
C THR A 21 6.62 -2.90 -7.98
N LYS A 22 6.89 -4.16 -7.72
CA LYS A 22 7.95 -4.95 -8.33
C LYS A 22 7.81 -5.03 -9.85
N SER A 23 6.62 -4.85 -10.35
CA SER A 23 6.37 -4.93 -11.76
C SER A 23 6.60 -3.56 -12.45
N GLY A 24 7.02 -2.57 -11.65
CA GLY A 24 7.24 -1.23 -12.17
C GLY A 24 5.93 -0.49 -12.29
N THR A 25 4.93 -1.06 -11.69
CA THR A 25 3.59 -0.53 -11.73
C THR A 25 3.37 0.38 -10.53
N THR A 26 2.70 1.49 -10.73
CA THR A 26 2.39 2.38 -9.65
C THR A 26 0.88 2.58 -9.60
N VAL A 27 0.28 2.17 -8.51
CA VAL A 27 -1.14 2.31 -8.32
C VAL A 27 -1.41 3.23 -7.14
N ARG A 28 -2.36 4.10 -7.26
CA ARG A 28 -2.68 4.99 -6.17
C ARG A 28 -3.92 4.50 -5.46
N VAL A 29 -3.77 4.17 -4.20
CA VAL A 29 -4.82 3.57 -3.40
C VAL A 29 -4.74 4.06 -1.96
N ASN A 30 -5.71 3.69 -1.16
CA ASN A 30 -5.72 4.01 0.26
C ASN A 30 -5.37 2.74 1.03
N VAL A 31 -4.49 2.84 1.98
CA VAL A 31 -4.07 1.66 2.73
C VAL A 31 -5.08 1.37 3.86
N LYS A 32 -5.54 0.13 3.94
CA LYS A 32 -6.55 -0.23 4.88
C LYS A 32 -6.05 -1.18 5.97
N ARG A 33 -5.24 -2.13 5.58
CA ARG A 33 -4.74 -3.14 6.51
C ARG A 33 -3.36 -3.56 6.10
N VAL A 34 -2.51 -3.75 7.08
CA VAL A 34 -1.16 -4.18 6.84
C VAL A 34 -0.84 -5.36 7.71
N ASP A 35 -0.58 -6.45 7.08
CA ASP A 35 -0.16 -7.66 7.77
C ASP A 35 1.15 -8.06 7.20
N SER A 36 1.90 -8.83 7.92
CA SER A 36 3.24 -9.17 7.50
C SER A 36 3.29 -10.31 6.47
N LYS A 37 2.70 -10.04 5.29
CA LYS A 37 2.67 -10.89 4.07
C LYS A 37 2.12 -10.09 2.91
N SER A 38 1.00 -9.44 3.15
CA SER A 38 0.32 -8.69 2.14
C SER A 38 -0.50 -7.55 2.77
N VAL A 39 -0.97 -6.66 1.93
CA VAL A 39 -1.63 -5.46 2.36
C VAL A 39 -2.93 -5.26 1.63
N LYS A 40 -3.93 -4.87 2.38
CA LYS A 40 -5.23 -4.57 1.84
C LYS A 40 -5.34 -3.08 1.65
N VAL A 41 -5.73 -2.70 0.49
CA VAL A 41 -5.90 -1.34 0.16
C VAL A 41 -7.30 -1.10 -0.39
N GLU A 42 -7.61 0.13 -0.64
CA GLU A 42 -8.92 0.54 -1.07
C GLU A 42 -8.82 1.50 -2.23
N ARG A 43 -9.57 1.26 -3.27
CA ARG A 43 -9.68 2.23 -4.34
C ARG A 43 -11.13 2.46 -4.72
N ASN A 44 -11.60 3.65 -4.37
CA ASN A 44 -12.96 4.14 -4.61
C ASN A 44 -13.97 3.25 -3.85
N GLY A 45 -13.52 2.76 -2.72
CA GLY A 45 -14.35 1.92 -1.88
C GLY A 45 -14.31 0.45 -2.25
N GLN A 46 -13.49 0.11 -3.22
CA GLN A 46 -13.39 -1.27 -3.67
C GLN A 46 -12.06 -1.83 -3.13
N ASP A 47 -12.07 -3.07 -2.67
CA ASP A 47 -10.88 -3.71 -2.10
C ASP A 47 -9.86 -4.08 -3.14
N LEU A 48 -8.64 -3.97 -2.76
CA LEU A 48 -7.54 -4.42 -3.54
C LEU A 48 -6.49 -4.91 -2.58
N GLU A 49 -5.76 -5.94 -2.92
CA GLU A 49 -4.71 -6.44 -2.06
C GLU A 49 -3.46 -6.64 -2.83
N ILE A 50 -2.36 -6.39 -2.18
CA ILE A 50 -1.07 -6.43 -2.80
C ILE A 50 -0.13 -7.18 -1.89
N SER A 51 0.75 -7.94 -2.47
CA SER A 51 1.71 -8.71 -1.72
C SER A 51 2.90 -7.82 -1.33
N LEU A 52 3.37 -7.95 -0.10
CA LEU A 52 4.46 -7.10 0.43
C LEU A 52 5.76 -7.19 -0.36
N ASP A 53 6.01 -8.33 -0.95
CA ASP A 53 7.25 -8.54 -1.72
C ASP A 53 7.16 -7.87 -3.05
N GLN A 54 5.94 -7.56 -3.44
CA GLN A 54 5.68 -6.90 -4.69
C GLN A 54 5.67 -5.42 -4.47
N ILE A 55 5.56 -5.02 -3.24
CA ILE A 55 5.59 -3.61 -2.89
C ILE A 55 7.02 -3.18 -2.60
N THR A 56 7.48 -2.16 -3.26
CA THR A 56 8.82 -1.71 -3.06
C THR A 56 8.86 -0.49 -2.14
N HIS A 57 7.97 0.48 -2.37
CA HIS A 57 7.95 1.73 -1.60
C HIS A 57 6.70 2.58 -1.85
N VAL A 58 6.41 3.45 -0.90
CA VAL A 58 5.23 4.32 -0.92
C VAL A 58 5.63 5.76 -1.18
N ASP A 59 4.92 6.41 -2.06
CA ASP A 59 5.11 7.82 -2.33
C ASP A 59 3.74 8.42 -2.54
N GLY A 60 3.62 9.70 -2.63
CA GLY A 60 2.34 10.29 -2.92
C GLY A 60 1.51 10.50 -1.69
N TRP A 61 2.16 10.76 -0.59
CA TRP A 61 1.50 11.06 0.68
C TRP A 61 0.71 12.36 0.58
N SER A 1 8.20 -6.41 7.36
CA SER A 1 8.77 -5.79 6.17
C SER A 1 9.01 -4.30 6.43
N GLU A 2 9.87 -3.67 5.63
CA GLU A 2 10.16 -2.24 5.78
C GLU A 2 8.97 -1.41 5.33
N VAL A 3 8.57 -1.61 4.07
CA VAL A 3 7.47 -0.86 3.47
C VAL A 3 6.17 -1.04 4.27
N GLU A 4 6.04 -2.21 4.89
CA GLU A 4 4.92 -2.52 5.78
C GLU A 4 4.71 -1.41 6.80
N THR A 5 5.80 -0.95 7.37
CA THR A 5 5.78 0.09 8.38
C THR A 5 5.31 1.41 7.73
N VAL A 6 5.70 1.59 6.50
CA VAL A 6 5.41 2.80 5.76
C VAL A 6 3.94 2.82 5.35
N LEU A 7 3.46 1.69 4.88
CA LEU A 7 2.05 1.54 4.52
C LEU A 7 1.18 1.57 5.75
N ARG A 8 1.68 1.03 6.84
CA ARG A 8 0.98 1.03 8.12
C ARG A 8 0.79 2.47 8.56
N LYS A 9 1.82 3.27 8.31
CA LYS A 9 1.83 4.68 8.60
C LYS A 9 0.79 5.42 7.75
N ALA A 10 0.72 5.09 6.49
CA ALA A 10 -0.27 5.67 5.60
C ALA A 10 -1.68 5.24 6.02
N ALA A 11 -1.83 3.96 6.40
CA ALA A 11 -3.11 3.39 6.85
C ALA A 11 -3.61 4.07 8.12
N GLU A 12 -2.67 4.53 8.91
CA GLU A 12 -2.93 5.21 10.18
C GLU A 12 -3.84 6.41 9.97
N ARG A 13 -3.57 7.14 8.93
CA ARG A 13 -4.27 8.37 8.65
C ARG A 13 -5.15 8.26 7.41
N ASN A 14 -5.33 7.04 6.90
CA ASN A 14 -6.11 6.78 5.65
C ASN A 14 -5.55 7.58 4.51
N LYS A 15 -4.27 7.52 4.38
CA LYS A 15 -3.58 8.26 3.38
C LYS A 15 -3.62 7.55 2.05
N THR A 16 -4.01 8.28 1.06
CA THR A 16 -4.00 7.81 -0.28
C THR A 16 -2.59 8.07 -0.78
N VAL A 17 -1.95 7.05 -1.27
CA VAL A 17 -0.56 7.12 -1.67
C VAL A 17 -0.33 6.30 -2.93
N ASP A 18 0.80 6.51 -3.55
CA ASP A 18 1.23 5.75 -4.69
C ASP A 18 2.09 4.61 -4.20
N ILE A 19 1.73 3.45 -4.58
CA ILE A 19 2.44 2.27 -4.20
C ILE A 19 3.25 1.77 -5.38
N HIS A 20 4.53 1.56 -5.14
CA HIS A 20 5.42 1.12 -6.19
C HIS A 20 5.69 -0.33 -6.06
N THR A 21 5.32 -1.03 -7.07
CA THR A 21 5.45 -2.43 -7.12
C THR A 21 6.63 -2.80 -8.07
N LYS A 22 7.24 -3.97 -7.82
CA LYS A 22 8.39 -4.47 -8.60
C LYS A 22 8.01 -4.74 -10.05
N SER A 23 6.74 -4.82 -10.32
CA SER A 23 6.24 -5.08 -11.66
C SER A 23 6.25 -3.77 -12.48
N GLY A 24 6.71 -2.68 -11.85
CA GLY A 24 6.76 -1.40 -12.51
C GLY A 24 5.43 -0.71 -12.44
N THR A 25 4.58 -1.25 -11.61
CA THR A 25 3.25 -0.76 -11.46
C THR A 25 3.22 0.24 -10.31
N THR A 26 2.62 1.37 -10.54
CA THR A 26 2.39 2.32 -9.52
C THR A 26 0.89 2.53 -9.42
N VAL A 27 0.34 2.27 -8.27
CA VAL A 27 -1.07 2.42 -8.05
C VAL A 27 -1.29 3.43 -6.95
N ARG A 28 -2.26 4.30 -7.12
CA ARG A 28 -2.52 5.26 -6.08
C ARG A 28 -3.84 4.90 -5.44
N VAL A 29 -3.76 4.51 -4.19
CA VAL A 29 -4.89 3.97 -3.46
C VAL A 29 -4.84 4.41 -2.01
N ASN A 30 -5.84 4.01 -1.26
CA ASN A 30 -5.93 4.32 0.15
C ASN A 30 -5.59 3.07 0.92
N VAL A 31 -4.64 3.16 1.82
CA VAL A 31 -4.22 1.98 2.57
C VAL A 31 -5.23 1.67 3.67
N LYS A 32 -5.81 0.50 3.61
CA LYS A 32 -6.85 0.10 4.51
C LYS A 32 -6.38 -0.84 5.57
N ARG A 33 -5.51 -1.73 5.19
CA ARG A 33 -5.04 -2.75 6.07
C ARG A 33 -3.65 -3.16 5.72
N VAL A 34 -2.86 -3.35 6.72
CA VAL A 34 -1.51 -3.78 6.55
C VAL A 34 -1.27 -5.05 7.31
N ASP A 35 -1.04 -6.09 6.59
CA ASP A 35 -0.70 -7.36 7.16
C ASP A 35 0.77 -7.57 6.93
N SER A 36 1.35 -8.53 7.58
CA SER A 36 2.77 -8.76 7.46
C SER A 36 3.12 -9.58 6.20
N LYS A 37 2.10 -9.92 5.44
CA LYS A 37 2.27 -10.64 4.18
C LYS A 37 1.88 -9.76 3.01
N SER A 38 0.80 -9.05 3.17
CA SER A 38 0.22 -8.29 2.12
C SER A 38 -0.45 -7.06 2.69
N VAL A 39 -0.82 -6.17 1.84
CA VAL A 39 -1.48 -4.97 2.23
C VAL A 39 -2.71 -4.82 1.42
N LYS A 40 -3.75 -4.45 2.07
CA LYS A 40 -5.01 -4.31 1.44
C LYS A 40 -5.34 -2.86 1.38
N VAL A 41 -5.68 -2.42 0.23
CA VAL A 41 -5.89 -1.05 -0.04
C VAL A 41 -7.26 -0.86 -0.63
N GLU A 42 -7.68 0.36 -0.78
CA GLU A 42 -8.99 0.63 -1.26
C GLU A 42 -8.94 1.41 -2.55
N ARG A 43 -9.48 0.82 -3.57
CA ARG A 43 -9.68 1.49 -4.82
C ARG A 43 -11.15 1.50 -5.14
N ASN A 44 -11.72 2.70 -5.21
CA ASN A 44 -13.14 2.91 -5.55
C ASN A 44 -14.06 2.23 -4.54
N GLY A 45 -13.62 2.18 -3.29
CA GLY A 45 -14.43 1.59 -2.24
C GLY A 45 -14.24 0.09 -2.08
N GLN A 46 -13.45 -0.51 -2.94
CA GLN A 46 -13.20 -1.95 -2.86
C GLN A 46 -11.84 -2.22 -2.25
N ASP A 47 -11.77 -3.20 -1.36
CA ASP A 47 -10.49 -3.59 -0.78
C ASP A 47 -9.77 -4.49 -1.76
N LEU A 48 -8.56 -4.14 -2.05
CA LEU A 48 -7.74 -4.80 -3.02
C LEU A 48 -6.46 -5.21 -2.31
N GLU A 49 -6.00 -6.42 -2.51
CA GLU A 49 -4.82 -6.89 -1.82
C GLU A 49 -3.59 -6.81 -2.70
N ILE A 50 -2.51 -6.30 -2.15
CA ILE A 50 -1.26 -6.20 -2.83
C ILE A 50 -0.21 -6.90 -1.99
N SER A 51 0.69 -7.54 -2.63
CA SER A 51 1.69 -8.34 -2.00
C SER A 51 2.93 -7.51 -1.59
N LEU A 52 3.29 -7.58 -0.30
CA LEU A 52 4.46 -6.85 0.25
C LEU A 52 5.76 -7.25 -0.41
N ASP A 53 5.76 -8.43 -0.99
CA ASP A 53 6.94 -8.94 -1.68
C ASP A 53 7.20 -8.13 -2.96
N GLN A 54 6.14 -7.56 -3.49
CA GLN A 54 6.25 -6.79 -4.72
C GLN A 54 6.29 -5.32 -4.42
N ILE A 55 5.81 -4.94 -3.29
CA ILE A 55 5.81 -3.54 -2.90
C ILE A 55 7.19 -3.14 -2.42
N THR A 56 7.77 -2.14 -3.05
CA THR A 56 9.07 -1.68 -2.67
C THR A 56 9.02 -0.41 -1.81
N HIS A 57 8.15 0.53 -2.19
CA HIS A 57 8.12 1.83 -1.50
C HIS A 57 6.84 2.62 -1.77
N VAL A 58 6.61 3.59 -0.92
CA VAL A 58 5.42 4.43 -0.91
C VAL A 58 5.77 5.87 -1.24
N ASP A 59 5.00 6.48 -2.09
CA ASP A 59 5.15 7.88 -2.43
C ASP A 59 3.77 8.47 -2.55
N GLY A 60 3.62 9.75 -2.67
CA GLY A 60 2.30 10.32 -2.86
C GLY A 60 1.61 10.62 -1.57
N TRP A 61 2.39 10.87 -0.54
CA TRP A 61 1.88 11.24 0.77
C TRP A 61 1.20 12.62 0.71
N SER A 1 9.04 -5.10 8.95
CA SER A 1 9.74 -4.74 7.72
C SER A 1 9.49 -3.24 7.39
N GLU A 2 10.41 -2.62 6.65
CA GLU A 2 10.41 -1.17 6.42
C GLU A 2 9.17 -0.61 5.71
N VAL A 3 8.99 -0.91 4.42
CA VAL A 3 7.86 -0.33 3.66
C VAL A 3 6.51 -0.73 4.29
N GLU A 4 6.50 -1.91 4.85
CA GLU A 4 5.39 -2.45 5.61
C GLU A 4 4.96 -1.45 6.71
N THR A 5 5.96 -0.93 7.38
CA THR A 5 5.77 0.03 8.45
C THR A 5 5.23 1.35 7.87
N VAL A 6 5.66 1.64 6.66
CA VAL A 6 5.33 2.88 5.99
C VAL A 6 3.89 2.84 5.52
N LEU A 7 3.48 1.70 5.01
CA LEU A 7 2.11 1.48 4.59
C LEU A 7 1.18 1.57 5.78
N ARG A 8 1.63 1.07 6.92
CA ARG A 8 0.85 1.11 8.13
C ARG A 8 0.72 2.58 8.57
N LYS A 9 1.76 3.37 8.32
CA LYS A 9 1.77 4.79 8.62
C LYS A 9 0.73 5.52 7.76
N ALA A 10 0.67 5.16 6.51
CA ALA A 10 -0.31 5.71 5.59
C ALA A 10 -1.72 5.29 5.99
N ALA A 11 -1.87 4.04 6.39
CA ALA A 11 -3.15 3.50 6.86
C ALA A 11 -3.62 4.23 8.12
N GLU A 12 -2.66 4.50 9.00
CA GLU A 12 -2.88 5.21 10.26
C GLU A 12 -3.55 6.56 10.01
N ARG A 13 -3.07 7.24 9.00
CA ARG A 13 -3.55 8.57 8.70
C ARG A 13 -4.61 8.55 7.60
N ASN A 14 -4.99 7.33 7.16
CA ASN A 14 -5.98 7.13 6.08
C ASN A 14 -5.58 7.94 4.86
N LYS A 15 -4.33 7.83 4.50
CA LYS A 15 -3.79 8.60 3.41
C LYS A 15 -3.74 7.80 2.14
N THR A 16 -4.18 8.43 1.07
CA THR A 16 -4.09 7.84 -0.21
C THR A 16 -2.68 8.08 -0.71
N VAL A 17 -2.01 7.05 -1.07
CA VAL A 17 -0.63 7.13 -1.50
C VAL A 17 -0.44 6.33 -2.76
N ASP A 18 0.66 6.53 -3.39
CA ASP A 18 1.01 5.76 -4.56
C ASP A 18 1.88 4.63 -4.12
N ILE A 19 1.49 3.45 -4.47
CA ILE A 19 2.22 2.28 -4.14
C ILE A 19 2.93 1.79 -5.37
N HIS A 20 4.22 1.70 -5.28
CA HIS A 20 5.02 1.25 -6.39
C HIS A 20 5.23 -0.21 -6.28
N THR A 21 4.92 -0.91 -7.32
CA THR A 21 5.01 -2.33 -7.32
C THR A 21 6.21 -2.83 -8.10
N LYS A 22 6.51 -4.08 -7.85
CA LYS A 22 7.62 -4.83 -8.43
C LYS A 22 7.58 -4.87 -9.95
N SER A 23 6.39 -4.81 -10.51
CA SER A 23 6.22 -4.83 -11.95
C SER A 23 6.43 -3.43 -12.57
N GLY A 24 6.73 -2.43 -11.72
CA GLY A 24 6.95 -1.07 -12.21
C GLY A 24 5.64 -0.33 -12.34
N THR A 25 4.63 -0.86 -11.73
CA THR A 25 3.32 -0.30 -11.76
C THR A 25 3.07 0.52 -10.49
N THR A 26 2.49 1.66 -10.63
CA THR A 26 2.18 2.48 -9.49
C THR A 26 0.67 2.62 -9.36
N VAL A 27 0.15 2.20 -8.25
CA VAL A 27 -1.28 2.31 -7.98
C VAL A 27 -1.50 3.28 -6.84
N ARG A 28 -2.43 4.17 -7.01
CA ARG A 28 -2.73 5.14 -5.98
C ARG A 28 -3.98 4.71 -5.26
N VAL A 29 -3.82 4.36 -4.00
CA VAL A 29 -4.89 3.75 -3.22
C VAL A 29 -4.81 4.19 -1.76
N ASN A 30 -5.81 3.81 -0.99
CA ASN A 30 -5.81 4.07 0.44
C ASN A 30 -5.54 2.75 1.12
N VAL A 31 -4.66 2.76 2.08
CA VAL A 31 -4.29 1.54 2.77
C VAL A 31 -5.36 1.20 3.81
N LYS A 32 -5.90 0.00 3.72
CA LYS A 32 -6.96 -0.44 4.61
C LYS A 32 -6.40 -1.17 5.82
N ARG A 33 -5.40 -2.01 5.59
CA ARG A 33 -4.82 -2.79 6.63
C ARG A 33 -3.46 -3.32 6.22
N VAL A 34 -2.53 -3.32 7.13
CA VAL A 34 -1.22 -3.87 6.89
C VAL A 34 -0.97 -5.10 7.72
N ASP A 35 -0.68 -6.18 7.04
CA ASP A 35 -0.31 -7.44 7.68
C ASP A 35 1.09 -7.73 7.29
N SER A 36 1.76 -8.52 8.06
CA SER A 36 3.13 -8.82 7.79
C SER A 36 3.26 -9.94 6.74
N LYS A 37 2.90 -9.59 5.51
CA LYS A 37 2.97 -10.46 4.32
C LYS A 37 2.30 -9.73 3.17
N SER A 38 1.16 -9.17 3.45
CA SER A 38 0.41 -8.47 2.45
C SER A 38 -0.36 -7.33 3.05
N VAL A 39 -0.83 -6.47 2.21
CA VAL A 39 -1.52 -5.29 2.60
C VAL A 39 -2.81 -5.17 1.84
N LYS A 40 -3.83 -4.80 2.54
CA LYS A 40 -5.11 -4.61 1.95
C LYS A 40 -5.29 -3.14 1.68
N VAL A 41 -5.67 -2.81 0.50
CA VAL A 41 -5.86 -1.45 0.11
C VAL A 41 -7.23 -1.29 -0.53
N GLU A 42 -7.57 -0.09 -0.85
CA GLU A 42 -8.83 0.20 -1.46
C GLU A 42 -8.59 1.07 -2.66
N ARG A 43 -9.07 0.66 -3.81
CA ARG A 43 -8.93 1.44 -5.00
C ARG A 43 -10.27 1.65 -5.62
N ASN A 44 -10.64 2.91 -5.81
CA ASN A 44 -11.93 3.30 -6.41
C ASN A 44 -13.07 2.74 -5.52
N GLY A 45 -12.78 2.66 -4.21
CA GLY A 45 -13.73 2.16 -3.25
C GLY A 45 -13.85 0.63 -3.25
N GLN A 46 -13.02 -0.03 -4.03
CA GLN A 46 -13.07 -1.46 -4.15
C GLN A 46 -11.84 -2.05 -3.43
N ASP A 47 -12.05 -3.10 -2.66
CA ASP A 47 -10.98 -3.70 -1.84
C ASP A 47 -9.99 -4.49 -2.69
N LEU A 48 -8.73 -4.22 -2.51
CA LEU A 48 -7.71 -4.94 -3.23
C LEU A 48 -6.62 -5.34 -2.26
N GLU A 49 -6.11 -6.53 -2.39
CA GLU A 49 -5.04 -6.96 -1.56
C GLU A 49 -3.76 -7.01 -2.38
N ILE A 50 -2.69 -6.55 -1.82
CA ILE A 50 -1.42 -6.50 -2.49
C ILE A 50 -0.40 -7.15 -1.60
N SER A 51 0.51 -7.84 -2.18
CA SER A 51 1.48 -8.55 -1.42
C SER A 51 2.72 -7.69 -1.23
N LEU A 52 3.29 -7.75 -0.03
CA LEU A 52 4.48 -6.95 0.32
C LEU A 52 5.69 -7.34 -0.53
N ASP A 53 5.61 -8.51 -1.12
CA ASP A 53 6.63 -9.01 -2.06
C ASP A 53 6.62 -8.20 -3.33
N GLN A 54 5.48 -7.61 -3.61
CA GLN A 54 5.29 -6.89 -4.84
C GLN A 54 5.36 -5.39 -4.61
N ILE A 55 5.40 -5.00 -3.38
CA ILE A 55 5.49 -3.58 -3.05
C ILE A 55 6.95 -3.19 -2.82
N THR A 56 7.40 -2.15 -3.48
CA THR A 56 8.75 -1.69 -3.34
C THR A 56 8.85 -0.47 -2.41
N HIS A 57 7.95 0.51 -2.58
CA HIS A 57 8.02 1.77 -1.78
C HIS A 57 6.77 2.63 -1.96
N VAL A 58 6.61 3.59 -1.04
CA VAL A 58 5.45 4.48 -0.98
C VAL A 58 5.81 5.92 -1.37
N ASP A 59 4.95 6.52 -2.14
CA ASP A 59 5.04 7.94 -2.52
C ASP A 59 3.65 8.51 -2.53
N GLY A 60 3.53 9.80 -2.65
CA GLY A 60 2.23 10.42 -2.80
C GLY A 60 1.49 10.64 -1.50
N TRP A 61 2.20 11.04 -0.48
CA TRP A 61 1.61 11.41 0.79
C TRP A 61 0.94 12.78 0.66
N SER A 1 10.34 -5.00 6.06
CA SER A 1 10.91 -4.49 4.82
C SER A 1 10.79 -2.96 4.73
N GLU A 2 10.60 -2.30 5.89
CA GLU A 2 10.47 -0.82 6.02
C GLU A 2 9.18 -0.26 5.40
N VAL A 3 8.97 -0.54 4.12
CA VAL A 3 7.84 -0.02 3.36
C VAL A 3 6.47 -0.28 4.01
N GLU A 4 6.28 -1.47 4.56
CA GLU A 4 4.99 -1.82 5.14
C GLU A 4 4.73 -1.01 6.41
N THR A 5 5.79 -0.73 7.11
CA THR A 5 5.72 0.06 8.33
C THR A 5 5.25 1.47 7.96
N VAL A 6 5.72 1.92 6.81
CA VAL A 6 5.37 3.20 6.27
C VAL A 6 3.92 3.15 5.72
N LEU A 7 3.57 2.01 5.18
CA LEU A 7 2.21 1.75 4.70
C LEU A 7 1.22 1.77 5.85
N ARG A 8 1.67 1.31 7.01
CA ARG A 8 0.85 1.29 8.20
C ARG A 8 0.62 2.73 8.65
N LYS A 9 1.63 3.56 8.44
CA LYS A 9 1.55 4.98 8.73
C LYS A 9 0.49 5.62 7.83
N ALA A 10 0.47 5.23 6.59
CA ALA A 10 -0.51 5.70 5.63
C ALA A 10 -1.90 5.24 6.05
N ALA A 11 -2.02 3.96 6.41
CA ALA A 11 -3.28 3.36 6.84
C ALA A 11 -3.83 4.05 8.08
N GLU A 12 -2.90 4.43 8.97
CA GLU A 12 -3.21 5.09 10.22
C GLU A 12 -4.03 6.34 9.97
N ARG A 13 -3.60 7.12 9.01
CA ARG A 13 -4.20 8.40 8.76
C ARG A 13 -5.14 8.35 7.57
N ASN A 14 -5.39 7.12 7.05
CA ASN A 14 -6.33 6.90 5.90
C ASN A 14 -5.81 7.62 4.67
N LYS A 15 -4.51 7.66 4.55
CA LYS A 15 -3.83 8.37 3.49
C LYS A 15 -3.94 7.67 2.16
N THR A 16 -4.18 8.46 1.16
CA THR A 16 -4.13 8.00 -0.20
C THR A 16 -2.66 8.07 -0.61
N VAL A 17 -2.13 7.01 -1.08
CA VAL A 17 -0.73 6.95 -1.44
C VAL A 17 -0.54 6.18 -2.71
N ASP A 18 0.59 6.37 -3.32
CA ASP A 18 0.91 5.66 -4.51
C ASP A 18 1.77 4.49 -4.13
N ILE A 19 1.37 3.32 -4.51
CA ILE A 19 2.12 2.14 -4.21
C ILE A 19 2.76 1.64 -5.47
N HIS A 20 4.03 1.33 -5.38
CA HIS A 20 4.78 0.89 -6.51
C HIS A 20 5.12 -0.57 -6.35
N THR A 21 4.85 -1.34 -7.35
CA THR A 21 5.15 -2.74 -7.33
C THR A 21 6.40 -3.05 -8.17
N LYS A 22 6.88 -4.29 -8.05
CA LYS A 22 8.14 -4.75 -8.65
C LYS A 22 8.22 -4.53 -10.16
N SER A 23 7.09 -4.63 -10.85
CA SER A 23 7.08 -4.47 -12.31
C SER A 23 6.99 -2.99 -12.73
N GLY A 24 7.03 -2.08 -11.77
CA GLY A 24 6.98 -0.67 -12.08
C GLY A 24 5.57 -0.16 -12.17
N THR A 25 4.66 -0.86 -11.57
CA THR A 25 3.29 -0.47 -11.57
C THR A 25 3.04 0.48 -10.39
N THR A 26 2.41 1.59 -10.65
CA THR A 26 2.08 2.51 -9.62
C THR A 26 0.56 2.59 -9.50
N VAL A 27 0.07 2.19 -8.36
CA VAL A 27 -1.35 2.21 -8.13
C VAL A 27 -1.62 3.14 -6.96
N ARG A 28 -2.42 4.14 -7.18
CA ARG A 28 -2.75 5.10 -6.15
C ARG A 28 -3.97 4.62 -5.39
N VAL A 29 -3.78 4.30 -4.13
CA VAL A 29 -4.81 3.70 -3.30
C VAL A 29 -4.75 4.25 -1.89
N ASN A 30 -5.67 3.81 -1.08
CA ASN A 30 -5.66 4.13 0.35
C ASN A 30 -5.33 2.86 1.06
N VAL A 31 -4.43 2.91 1.99
CA VAL A 31 -4.07 1.69 2.70
C VAL A 31 -5.12 1.41 3.78
N LYS A 32 -5.64 0.19 3.78
CA LYS A 32 -6.65 -0.18 4.73
C LYS A 32 -6.04 -0.86 5.94
N ARG A 33 -5.05 -1.72 5.70
CA ARG A 33 -4.43 -2.49 6.75
C ARG A 33 -3.11 -3.07 6.26
N VAL A 34 -2.15 -3.18 7.16
CA VAL A 34 -0.90 -3.82 6.85
C VAL A 34 -0.78 -5.12 7.62
N ASP A 35 -0.70 -6.20 6.91
CA ASP A 35 -0.59 -7.50 7.52
C ASP A 35 0.81 -8.03 7.32
N SER A 36 1.17 -9.03 8.08
CA SER A 36 2.49 -9.60 7.99
C SER A 36 2.60 -10.60 6.83
N LYS A 37 2.43 -10.07 5.60
CA LYS A 37 2.52 -10.84 4.37
C LYS A 37 2.07 -9.97 3.21
N SER A 38 0.98 -9.30 3.43
CA SER A 38 0.36 -8.52 2.42
C SER A 38 -0.30 -7.31 3.03
N VAL A 39 -0.70 -6.42 2.20
CA VAL A 39 -1.33 -5.20 2.61
C VAL A 39 -2.61 -5.04 1.87
N LYS A 40 -3.60 -4.65 2.58
CA LYS A 40 -4.88 -4.47 1.99
C LYS A 40 -5.12 -3.00 1.79
N VAL A 41 -5.52 -2.66 0.62
CA VAL A 41 -5.71 -1.29 0.24
C VAL A 41 -7.08 -1.11 -0.40
N GLU A 42 -7.40 0.12 -0.70
CA GLU A 42 -8.66 0.45 -1.29
C GLU A 42 -8.45 1.40 -2.44
N ARG A 43 -8.96 1.05 -3.59
CA ARG A 43 -8.90 1.90 -4.73
C ARG A 43 -10.31 2.26 -5.18
N ASN A 44 -10.70 3.52 -4.97
CA ASN A 44 -12.02 4.03 -5.40
C ASN A 44 -13.17 3.18 -4.76
N GLY A 45 -12.93 2.71 -3.54
CA GLY A 45 -13.90 1.89 -2.85
C GLY A 45 -13.76 0.39 -3.13
N GLN A 46 -12.88 0.05 -4.04
CA GLN A 46 -12.63 -1.34 -4.34
C GLN A 46 -11.50 -1.79 -3.43
N ASP A 47 -11.68 -2.88 -2.77
CA ASP A 47 -10.68 -3.36 -1.84
C ASP A 47 -9.77 -4.35 -2.50
N LEU A 48 -8.52 -4.06 -2.43
CA LEU A 48 -7.50 -4.81 -3.10
C LEU A 48 -6.45 -5.26 -2.10
N GLU A 49 -5.96 -6.46 -2.25
CA GLU A 49 -4.92 -6.92 -1.39
C GLU A 49 -3.65 -7.02 -2.23
N ILE A 50 -2.56 -6.56 -1.71
CA ILE A 50 -1.31 -6.56 -2.42
C ILE A 50 -0.29 -7.26 -1.59
N SER A 51 0.52 -8.04 -2.21
CA SER A 51 1.52 -8.79 -1.49
C SER A 51 2.75 -7.93 -1.25
N LEU A 52 3.28 -7.97 -0.03
CA LEU A 52 4.46 -7.19 0.36
C LEU A 52 5.67 -7.48 -0.51
N ASP A 53 5.70 -8.68 -1.02
CA ASP A 53 6.77 -9.13 -1.90
C ASP A 53 6.74 -8.38 -3.24
N GLN A 54 5.58 -7.86 -3.59
CA GLN A 54 5.43 -7.14 -4.85
C GLN A 54 5.65 -5.67 -4.64
N ILE A 55 5.46 -5.22 -3.44
CA ILE A 55 5.59 -3.81 -3.10
C ILE A 55 7.05 -3.42 -2.95
N THR A 56 7.44 -2.38 -3.63
CA THR A 56 8.78 -1.89 -3.53
C THR A 56 8.85 -0.64 -2.65
N HIS A 57 7.90 0.30 -2.84
CA HIS A 57 7.93 1.59 -2.10
C HIS A 57 6.64 2.39 -2.24
N VAL A 58 6.45 3.35 -1.33
CA VAL A 58 5.27 4.23 -1.31
C VAL A 58 5.69 5.70 -1.59
N ASP A 59 4.85 6.41 -2.35
CA ASP A 59 5.04 7.83 -2.66
C ASP A 59 3.71 8.56 -2.62
N GLY A 60 3.77 9.88 -2.72
CA GLY A 60 2.57 10.68 -2.83
C GLY A 60 2.11 11.27 -1.54
N TRP A 61 1.51 10.42 -0.72
CA TRP A 61 0.93 10.81 0.57
C TRP A 61 -0.01 12.00 0.43
N SER A 1 13.91 0.82 2.86
CA SER A 1 12.95 1.05 3.92
C SER A 1 11.98 -0.10 3.98
N GLU A 2 11.52 -0.44 5.17
CA GLU A 2 10.51 -1.46 5.34
C GLU A 2 9.17 -0.89 4.94
N VAL A 3 8.74 -1.21 3.75
CA VAL A 3 7.53 -0.68 3.17
C VAL A 3 6.29 -1.00 3.99
N GLU A 4 6.30 -2.15 4.65
CA GLU A 4 5.20 -2.58 5.51
C GLU A 4 4.94 -1.53 6.58
N THR A 5 6.01 -1.03 7.14
CA THR A 5 5.95 -0.05 8.18
C THR A 5 5.41 1.27 7.61
N VAL A 6 5.77 1.52 6.38
CA VAL A 6 5.42 2.73 5.68
C VAL A 6 3.93 2.72 5.29
N LEU A 7 3.49 1.59 4.78
CA LEU A 7 2.08 1.39 4.43
C LEU A 7 1.21 1.41 5.66
N ARG A 8 1.73 0.86 6.75
CA ARG A 8 1.02 0.83 8.01
C ARG A 8 0.79 2.27 8.48
N LYS A 9 1.81 3.08 8.27
CA LYS A 9 1.76 4.48 8.58
C LYS A 9 0.69 5.17 7.73
N ALA A 10 0.73 4.93 6.44
CA ALA A 10 -0.25 5.46 5.51
C ALA A 10 -1.68 5.02 5.88
N ALA A 11 -1.83 3.76 6.26
CA ALA A 11 -3.13 3.20 6.68
C ALA A 11 -3.66 3.90 7.91
N GLU A 12 -2.79 4.05 8.89
CA GLU A 12 -3.10 4.68 10.15
C GLU A 12 -3.54 6.13 9.91
N ARG A 13 -2.86 6.79 9.00
CA ARG A 13 -3.15 8.18 8.69
C ARG A 13 -4.22 8.34 7.61
N ASN A 14 -4.74 7.20 7.10
CA ASN A 14 -5.76 7.20 6.02
C ASN A 14 -5.26 7.94 4.80
N LYS A 15 -4.02 7.70 4.48
CA LYS A 15 -3.35 8.32 3.38
C LYS A 15 -3.59 7.57 2.09
N THR A 16 -3.90 8.32 1.08
CA THR A 16 -3.95 7.78 -0.23
C THR A 16 -2.58 8.03 -0.83
N VAL A 17 -1.95 7.00 -1.29
CA VAL A 17 -0.57 7.06 -1.72
C VAL A 17 -0.39 6.26 -2.99
N ASP A 18 0.71 6.50 -3.65
CA ASP A 18 1.07 5.73 -4.79
C ASP A 18 1.93 4.60 -4.32
N ILE A 19 1.53 3.42 -4.67
CA ILE A 19 2.25 2.25 -4.31
C ILE A 19 3.02 1.77 -5.51
N HIS A 20 4.31 1.67 -5.34
CA HIS A 20 5.19 1.25 -6.40
C HIS A 20 5.50 -0.21 -6.22
N THR A 21 5.23 -1.00 -7.22
CA THR A 21 5.48 -2.41 -7.14
C THR A 21 6.67 -2.82 -8.02
N LYS A 22 7.09 -4.04 -7.82
CA LYS A 22 8.22 -4.70 -8.48
C LYS A 22 8.17 -4.56 -10.01
N SER A 23 6.98 -4.65 -10.55
CA SER A 23 6.81 -4.65 -12.00
C SER A 23 6.86 -3.22 -12.57
N GLY A 24 7.06 -2.24 -11.72
CA GLY A 24 7.08 -0.86 -12.17
C GLY A 24 5.69 -0.33 -12.24
N THR A 25 4.80 -0.96 -11.51
CA THR A 25 3.42 -0.59 -11.48
C THR A 25 3.21 0.37 -10.33
N THR A 26 2.52 1.44 -10.56
CA THR A 26 2.23 2.35 -9.53
C THR A 26 0.73 2.59 -9.45
N VAL A 27 0.15 2.21 -8.35
CA VAL A 27 -1.25 2.40 -8.14
C VAL A 27 -1.47 3.35 -6.97
N ARG A 28 -2.34 4.30 -7.14
CA ARG A 28 -2.60 5.23 -6.08
C ARG A 28 -3.90 4.87 -5.44
N VAL A 29 -3.81 4.45 -4.21
CA VAL A 29 -4.92 3.92 -3.47
C VAL A 29 -4.84 4.34 -2.01
N ASN A 30 -5.84 4.02 -1.24
CA ASN A 30 -5.82 4.32 0.18
C ASN A 30 -5.57 3.05 0.95
N VAL A 31 -4.60 3.05 1.82
CA VAL A 31 -4.25 1.84 2.54
C VAL A 31 -5.25 1.61 3.68
N LYS A 32 -5.83 0.41 3.76
CA LYS A 32 -6.82 0.12 4.73
C LYS A 32 -6.33 -0.78 5.85
N ARG A 33 -5.55 -1.77 5.51
CA ARG A 33 -5.07 -2.72 6.47
C ARG A 33 -3.67 -3.15 6.10
N VAL A 34 -2.84 -3.33 7.09
CA VAL A 34 -1.50 -3.82 6.88
C VAL A 34 -1.22 -4.99 7.78
N ASP A 35 -0.90 -6.09 7.17
CA ASP A 35 -0.53 -7.28 7.88
C ASP A 35 0.83 -7.66 7.38
N SER A 36 1.55 -8.45 8.12
CA SER A 36 2.91 -8.74 7.75
C SER A 36 2.99 -9.84 6.68
N LYS A 37 2.75 -9.40 5.43
CA LYS A 37 2.88 -10.16 4.15
C LYS A 37 2.09 -9.50 3.04
N SER A 38 1.00 -8.88 3.39
CA SER A 38 0.19 -8.25 2.39
C SER A 38 -0.61 -7.11 2.99
N VAL A 39 -1.11 -6.27 2.13
CA VAL A 39 -1.82 -5.09 2.52
C VAL A 39 -3.12 -4.98 1.77
N LYS A 40 -4.16 -4.62 2.48
CA LYS A 40 -5.44 -4.41 1.88
C LYS A 40 -5.64 -2.93 1.70
N VAL A 41 -6.01 -2.54 0.52
CA VAL A 41 -6.18 -1.17 0.16
C VAL A 41 -7.56 -0.92 -0.40
N GLU A 42 -7.87 0.33 -0.57
CA GLU A 42 -9.16 0.77 -1.07
C GLU A 42 -8.93 1.48 -2.37
N ARG A 43 -9.52 1.01 -3.42
CA ARG A 43 -9.49 1.76 -4.64
C ARG A 43 -10.83 1.76 -5.33
N ASN A 44 -11.43 2.93 -5.38
CA ASN A 44 -12.72 3.17 -6.06
C ASN A 44 -13.82 2.35 -5.40
N GLY A 45 -13.70 2.16 -4.11
CA GLY A 45 -14.70 1.43 -3.37
C GLY A 45 -14.46 -0.07 -3.38
N GLN A 46 -13.32 -0.48 -3.89
CA GLN A 46 -12.97 -1.88 -3.93
C GLN A 46 -11.85 -2.17 -3.00
N ASP A 47 -12.06 -3.19 -2.21
CA ASP A 47 -11.06 -3.67 -1.28
C ASP A 47 -10.15 -4.61 -2.02
N LEU A 48 -8.90 -4.27 -2.11
CA LEU A 48 -7.94 -5.06 -2.84
C LEU A 48 -6.71 -5.32 -2.01
N GLU A 49 -6.11 -6.46 -2.19
CA GLU A 49 -4.92 -6.82 -1.44
C GLU A 49 -3.70 -6.89 -2.33
N ILE A 50 -2.61 -6.39 -1.82
CA ILE A 50 -1.36 -6.33 -2.53
C ILE A 50 -0.28 -7.01 -1.69
N SER A 51 0.63 -7.67 -2.35
CA SER A 51 1.68 -8.43 -1.71
C SER A 51 2.85 -7.51 -1.33
N LEU A 52 3.22 -7.52 -0.06
CA LEU A 52 4.31 -6.66 0.45
C LEU A 52 5.65 -6.96 -0.19
N ASP A 53 5.85 -8.19 -0.57
CA ASP A 53 7.12 -8.59 -1.19
C ASP A 53 7.20 -8.13 -2.62
N GLN A 54 6.09 -7.68 -3.16
CA GLN A 54 6.04 -7.19 -4.53
C GLN A 54 6.04 -5.68 -4.52
N ILE A 55 5.72 -5.13 -3.39
CA ILE A 55 5.72 -3.68 -3.21
C ILE A 55 7.15 -3.22 -2.89
N THR A 56 7.59 -2.15 -3.54
CA THR A 56 8.93 -1.66 -3.32
C THR A 56 8.92 -0.42 -2.41
N HIS A 57 8.02 0.54 -2.66
CA HIS A 57 8.01 1.81 -1.89
C HIS A 57 6.73 2.63 -2.08
N VAL A 58 6.50 3.51 -1.11
CA VAL A 58 5.32 4.38 -1.02
C VAL A 58 5.66 5.84 -1.32
N ASP A 59 4.84 6.49 -2.11
CA ASP A 59 4.99 7.93 -2.40
C ASP A 59 3.61 8.56 -2.46
N GLY A 60 3.52 9.88 -2.44
CA GLY A 60 2.23 10.53 -2.63
C GLY A 60 1.52 10.91 -1.37
N TRP A 61 2.27 10.90 -0.28
CA TRP A 61 1.74 11.26 1.05
C TRP A 61 1.04 12.63 1.03
N SER A 1 10.01 -7.09 2.94
CA SER A 1 8.78 -6.71 3.60
C SER A 1 8.96 -5.45 4.49
N GLU A 2 10.02 -4.66 4.26
CA GLU A 2 10.27 -3.47 5.09
C GLU A 2 9.24 -2.37 4.81
N VAL A 3 8.70 -2.37 3.62
CA VAL A 3 7.73 -1.39 3.18
C VAL A 3 6.46 -1.42 4.05
N GLU A 4 6.17 -2.59 4.61
CA GLU A 4 5.00 -2.81 5.51
C GLU A 4 4.90 -1.72 6.57
N THR A 5 6.05 -1.31 7.08
CA THR A 5 6.12 -0.28 8.10
C THR A 5 5.58 1.05 7.53
N VAL A 6 5.85 1.26 6.27
CA VAL A 6 5.48 2.47 5.55
C VAL A 6 3.98 2.47 5.27
N LEU A 7 3.46 1.33 4.84
CA LEU A 7 2.01 1.19 4.61
C LEU A 7 1.23 1.46 5.90
N ARG A 8 1.77 0.99 7.03
CA ARG A 8 1.15 1.23 8.34
C ARG A 8 1.07 2.72 8.61
N LYS A 9 2.15 3.41 8.28
CA LYS A 9 2.26 4.85 8.44
C LYS A 9 1.16 5.58 7.66
N ALA A 10 0.98 5.17 6.42
CA ALA A 10 -0.06 5.74 5.58
C ALA A 10 -1.45 5.38 6.12
N ALA A 11 -1.62 4.12 6.48
CA ALA A 11 -2.89 3.61 7.01
C ALA A 11 -3.33 4.34 8.26
N GLU A 12 -2.36 4.56 9.15
CA GLU A 12 -2.57 5.21 10.44
C GLU A 12 -3.18 6.61 10.23
N ARG A 13 -2.71 7.29 9.22
CA ARG A 13 -3.16 8.63 8.93
C ARG A 13 -4.20 8.69 7.83
N ASN A 14 -4.71 7.52 7.42
CA ASN A 14 -5.79 7.40 6.39
C ASN A 14 -5.29 8.01 5.06
N LYS A 15 -4.02 7.86 4.83
CA LYS A 15 -3.38 8.43 3.69
C LYS A 15 -3.65 7.65 2.42
N THR A 16 -3.99 8.37 1.41
CA THR A 16 -4.12 7.84 0.10
C THR A 16 -2.77 8.07 -0.57
N VAL A 17 -2.19 7.03 -1.07
CA VAL A 17 -0.83 7.09 -1.57
C VAL A 17 -0.68 6.28 -2.83
N ASP A 18 0.45 6.44 -3.48
CA ASP A 18 0.81 5.70 -4.64
C ASP A 18 1.71 4.57 -4.21
N ILE A 19 1.35 3.39 -4.57
CA ILE A 19 2.13 2.23 -4.24
C ILE A 19 2.89 1.79 -5.47
N HIS A 20 4.18 1.69 -5.33
CA HIS A 20 5.02 1.27 -6.42
C HIS A 20 5.33 -0.19 -6.27
N THR A 21 5.05 -0.94 -7.29
CA THR A 21 5.30 -2.35 -7.27
C THR A 21 6.61 -2.69 -7.98
N LYS A 22 7.04 -3.91 -7.80
CA LYS A 22 8.26 -4.43 -8.37
C LYS A 22 8.08 -4.62 -9.89
N SER A 23 6.83 -4.64 -10.32
CA SER A 23 6.50 -4.77 -11.72
C SER A 23 6.60 -3.40 -12.42
N GLY A 24 6.85 -2.37 -11.63
CA GLY A 24 6.97 -1.03 -12.17
C GLY A 24 5.62 -0.37 -12.25
N THR A 25 4.65 -0.96 -11.64
CA THR A 25 3.31 -0.46 -11.68
C THR A 25 3.03 0.40 -10.44
N THR A 26 2.50 1.57 -10.64
CA THR A 26 2.15 2.45 -9.57
C THR A 26 0.64 2.44 -9.38
N VAL A 27 0.19 2.09 -8.22
CA VAL A 27 -1.24 2.02 -7.95
C VAL A 27 -1.58 2.97 -6.81
N ARG A 28 -2.42 3.95 -7.07
CA ARG A 28 -2.82 4.89 -6.03
C ARG A 28 -4.07 4.40 -5.35
N VAL A 29 -3.98 4.22 -4.06
CA VAL A 29 -5.03 3.65 -3.24
C VAL A 29 -5.01 4.26 -1.85
N ASN A 30 -6.01 3.93 -1.06
CA ASN A 30 -6.05 4.33 0.35
C ASN A 30 -5.81 3.06 1.15
N VAL A 31 -4.93 3.12 2.14
CA VAL A 31 -4.59 1.91 2.88
C VAL A 31 -5.67 1.57 3.91
N LYS A 32 -6.25 0.40 3.77
CA LYS A 32 -7.33 -0.05 4.59
C LYS A 32 -6.83 -0.88 5.77
N ARG A 33 -5.83 -1.69 5.52
CA ARG A 33 -5.30 -2.61 6.52
C ARG A 33 -3.92 -3.06 6.11
N VAL A 34 -3.04 -3.23 7.07
CA VAL A 34 -1.71 -3.72 6.80
C VAL A 34 -1.44 -4.95 7.62
N ASP A 35 -1.16 -6.03 6.95
CA ASP A 35 -0.77 -7.26 7.61
C ASP A 35 0.59 -7.66 7.13
N SER A 36 1.17 -8.65 7.74
CA SER A 36 2.56 -9.00 7.45
C SER A 36 2.79 -9.85 6.19
N LYS A 37 1.77 -10.08 5.41
CA LYS A 37 1.96 -10.80 4.16
C LYS A 37 1.56 -9.92 2.99
N SER A 38 0.57 -9.13 3.21
CA SER A 38 0.00 -8.34 2.20
C SER A 38 -0.72 -7.19 2.83
N VAL A 39 -1.09 -6.25 2.06
CA VAL A 39 -1.74 -5.09 2.56
C VAL A 39 -3.01 -4.89 1.77
N LYS A 40 -4.03 -4.55 2.47
CA LYS A 40 -5.32 -4.36 1.90
C LYS A 40 -5.53 -2.89 1.69
N VAL A 41 -5.78 -2.52 0.49
CA VAL A 41 -5.93 -1.16 0.12
C VAL A 41 -7.24 -0.99 -0.62
N GLU A 42 -7.59 0.24 -0.90
CA GLU A 42 -8.85 0.53 -1.53
C GLU A 42 -8.72 1.47 -2.70
N ARG A 43 -9.32 1.08 -3.79
CA ARG A 43 -9.48 1.92 -4.95
C ARG A 43 -10.81 1.68 -5.58
N ASN A 44 -11.53 2.76 -5.81
CA ASN A 44 -12.89 2.76 -6.41
C ASN A 44 -13.86 2.03 -5.50
N GLY A 45 -13.60 2.09 -4.20
CA GLY A 45 -14.46 1.45 -3.22
C GLY A 45 -14.18 -0.03 -3.03
N GLN A 46 -13.35 -0.60 -3.88
CA GLN A 46 -13.05 -2.02 -3.81
C GLN A 46 -11.75 -2.26 -3.09
N ASP A 47 -11.69 -3.34 -2.34
CA ASP A 47 -10.49 -3.71 -1.64
C ASP A 47 -9.61 -4.50 -2.55
N LEU A 48 -8.36 -4.21 -2.50
CA LEU A 48 -7.37 -4.90 -3.25
C LEU A 48 -6.20 -5.18 -2.35
N GLU A 49 -5.63 -6.33 -2.48
CA GLU A 49 -4.54 -6.68 -1.63
C GLU A 49 -3.31 -6.95 -2.44
N ILE A 50 -2.23 -6.35 -2.03
CA ILE A 50 -0.99 -6.45 -2.75
C ILE A 50 0.07 -7.06 -1.85
N SER A 51 0.93 -7.84 -2.43
CA SER A 51 1.94 -8.54 -1.69
C SER A 51 3.07 -7.57 -1.33
N LEU A 52 3.35 -7.47 -0.05
CA LEU A 52 4.30 -6.50 0.49
C LEU A 52 5.74 -6.67 0.02
N ASP A 53 6.14 -7.86 -0.33
CA ASP A 53 7.51 -8.03 -0.87
C ASP A 53 7.58 -7.69 -2.34
N GLN A 54 6.43 -7.47 -2.96
CA GLN A 54 6.41 -7.05 -4.34
C GLN A 54 6.30 -5.55 -4.39
N ILE A 55 5.87 -4.99 -3.30
CA ILE A 55 5.83 -3.55 -3.16
C ILE A 55 7.24 -3.04 -2.87
N THR A 56 7.64 -1.99 -3.55
CA THR A 56 8.97 -1.46 -3.40
C THR A 56 8.99 -0.25 -2.46
N HIS A 57 8.05 0.66 -2.64
CA HIS A 57 8.00 1.91 -1.86
C HIS A 57 6.70 2.65 -2.08
N VAL A 58 6.42 3.56 -1.17
CA VAL A 58 5.20 4.34 -1.17
C VAL A 58 5.49 5.81 -1.49
N ASP A 59 4.63 6.42 -2.26
CA ASP A 59 4.77 7.82 -2.66
C ASP A 59 3.39 8.43 -2.62
N GLY A 60 3.27 9.73 -2.79
CA GLY A 60 1.96 10.33 -2.89
C GLY A 60 1.38 10.71 -1.56
N TRP A 61 2.24 10.90 -0.62
CA TRP A 61 1.87 11.31 0.71
C TRP A 61 1.38 12.75 0.69
N SER A 1 13.41 -0.17 8.60
CA SER A 1 13.95 -1.05 7.59
C SER A 1 12.83 -1.81 6.85
N GLU A 2 11.58 -1.37 7.05
CA GLU A 2 10.46 -2.04 6.44
C GLU A 2 9.45 -1.04 5.88
N VAL A 3 9.13 -1.19 4.61
CA VAL A 3 8.14 -0.35 3.96
C VAL A 3 6.76 -0.64 4.57
N GLU A 4 6.59 -1.88 5.02
CA GLU A 4 5.37 -2.38 5.69
C GLU A 4 4.93 -1.42 6.78
N THR A 5 5.86 -1.04 7.58
CA THR A 5 5.59 -0.17 8.70
C THR A 5 5.18 1.22 8.20
N VAL A 6 5.76 1.58 7.09
CA VAL A 6 5.52 2.87 6.47
C VAL A 6 4.14 2.89 5.80
N LEU A 7 3.77 1.76 5.26
CA LEU A 7 2.44 1.57 4.68
C LEU A 7 1.41 1.65 5.78
N ARG A 8 1.75 1.07 6.92
CA ARG A 8 0.90 1.10 8.09
C ARG A 8 0.78 2.54 8.59
N LYS A 9 1.84 3.31 8.41
CA LYS A 9 1.88 4.73 8.73
C LYS A 9 0.84 5.49 7.90
N ALA A 10 0.75 5.17 6.63
CA ALA A 10 -0.23 5.75 5.74
C ALA A 10 -1.65 5.38 6.18
N ALA A 11 -1.83 4.12 6.57
CA ALA A 11 -3.13 3.62 7.05
C ALA A 11 -3.58 4.38 8.29
N GLU A 12 -2.62 4.69 9.14
CA GLU A 12 -2.88 5.42 10.40
C GLU A 12 -3.54 6.78 10.15
N ARG A 13 -3.19 7.40 9.04
CA ARG A 13 -3.76 8.69 8.70
C ARG A 13 -4.79 8.57 7.58
N ASN A 14 -5.12 7.33 7.22
CA ASN A 14 -6.10 7.02 6.14
C ASN A 14 -5.60 7.66 4.83
N LYS A 15 -4.31 7.64 4.63
CA LYS A 15 -3.71 8.28 3.49
C LYS A 15 -3.82 7.45 2.24
N THR A 16 -4.13 8.12 1.18
CA THR A 16 -4.15 7.55 -0.12
C THR A 16 -2.79 7.85 -0.72
N VAL A 17 -2.11 6.85 -1.17
CA VAL A 17 -0.75 6.97 -1.65
C VAL A 17 -0.58 6.20 -2.94
N ASP A 18 0.54 6.38 -3.59
CA ASP A 18 0.85 5.60 -4.75
C ASP A 18 1.78 4.49 -4.34
N ILE A 19 1.40 3.30 -4.65
CA ILE A 19 2.19 2.16 -4.34
C ILE A 19 2.94 1.73 -5.57
N HIS A 20 4.21 1.56 -5.42
CA HIS A 20 5.07 1.19 -6.51
C HIS A 20 5.44 -0.26 -6.33
N THR A 21 5.14 -1.06 -7.33
CA THR A 21 5.43 -2.46 -7.28
C THR A 21 6.64 -2.81 -8.15
N LYS A 22 7.16 -4.01 -7.94
CA LYS A 22 8.33 -4.54 -8.69
C LYS A 22 8.07 -4.62 -10.20
N SER A 23 6.82 -4.55 -10.58
CA SER A 23 6.43 -4.63 -11.97
C SER A 23 6.61 -3.24 -12.65
N GLY A 24 6.95 -2.23 -11.85
CA GLY A 24 7.10 -0.87 -12.37
C GLY A 24 5.77 -0.17 -12.35
N THR A 25 4.80 -0.84 -11.82
CA THR A 25 3.45 -0.40 -11.77
C THR A 25 3.25 0.52 -10.56
N THR A 26 2.60 1.62 -10.76
CA THR A 26 2.32 2.52 -9.70
C THR A 26 0.82 2.78 -9.64
N VAL A 27 0.20 2.39 -8.56
CA VAL A 27 -1.22 2.57 -8.41
C VAL A 27 -1.54 3.38 -7.17
N ARG A 28 -2.47 4.28 -7.30
CA ARG A 28 -2.89 5.07 -6.17
C ARG A 28 -4.05 4.43 -5.48
N VAL A 29 -3.85 4.07 -4.26
CA VAL A 29 -4.84 3.39 -3.46
C VAL A 29 -4.78 3.91 -2.04
N ASN A 30 -5.76 3.58 -1.26
CA ASN A 30 -5.78 4.00 0.12
C ASN A 30 -5.44 2.82 0.97
N VAL A 31 -4.49 2.98 1.88
CA VAL A 31 -4.08 1.87 2.73
C VAL A 31 -5.11 1.66 3.82
N LYS A 32 -5.73 0.51 3.81
CA LYS A 32 -6.79 0.24 4.72
C LYS A 32 -6.32 -0.64 5.84
N ARG A 33 -5.53 -1.62 5.51
CA ARG A 33 -5.09 -2.58 6.44
C ARG A 33 -3.74 -3.13 6.03
N VAL A 34 -2.82 -3.16 6.96
CA VAL A 34 -1.53 -3.72 6.72
C VAL A 34 -1.39 -4.99 7.49
N ASP A 35 -1.25 -6.06 6.80
CA ASP A 35 -1.12 -7.36 7.42
C ASP A 35 0.27 -7.88 7.21
N SER A 36 0.49 -9.08 7.61
CA SER A 36 1.71 -9.73 7.35
C SER A 36 1.70 -10.29 5.92
N LYS A 37 2.80 -10.09 5.19
CA LYS A 37 2.98 -10.56 3.80
C LYS A 37 2.21 -9.73 2.76
N SER A 38 1.16 -9.04 3.17
CA SER A 38 0.37 -8.27 2.24
C SER A 38 -0.32 -7.09 2.91
N VAL A 39 -0.82 -6.21 2.08
CA VAL A 39 -1.53 -5.04 2.49
C VAL A 39 -2.82 -4.97 1.74
N LYS A 40 -3.85 -4.62 2.42
CA LYS A 40 -5.13 -4.51 1.86
C LYS A 40 -5.47 -3.04 1.71
N VAL A 41 -5.81 -2.67 0.52
CA VAL A 41 -6.04 -1.31 0.18
C VAL A 41 -7.42 -1.12 -0.41
N GLU A 42 -7.76 0.11 -0.67
CA GLU A 42 -9.04 0.47 -1.22
C GLU A 42 -8.87 1.22 -2.50
N ARG A 43 -9.51 0.76 -3.55
CA ARG A 43 -9.54 1.49 -4.79
C ARG A 43 -10.99 1.61 -5.26
N ASN A 44 -11.47 2.84 -5.34
CA ASN A 44 -12.86 3.16 -5.78
C ASN A 44 -13.87 2.46 -4.82
N GLY A 45 -13.48 2.35 -3.55
CA GLY A 45 -14.33 1.72 -2.55
C GLY A 45 -14.26 0.20 -2.58
N GLN A 46 -13.38 -0.33 -3.39
CA GLN A 46 -13.21 -1.76 -3.51
C GLN A 46 -11.95 -2.17 -2.77
N ASP A 47 -11.97 -3.33 -2.16
CA ASP A 47 -10.78 -3.82 -1.47
C ASP A 47 -9.85 -4.46 -2.47
N LEU A 48 -8.59 -4.27 -2.27
CA LEU A 48 -7.61 -4.81 -3.16
C LEU A 48 -6.45 -5.27 -2.30
N GLU A 49 -5.91 -6.42 -2.60
CA GLU A 49 -4.81 -6.95 -1.84
C GLU A 49 -3.52 -6.84 -2.62
N ILE A 50 -2.52 -6.32 -1.99
CA ILE A 50 -1.24 -6.15 -2.60
C ILE A 50 -0.22 -6.80 -1.71
N SER A 51 0.64 -7.52 -2.29
CA SER A 51 1.58 -8.30 -1.54
C SER A 51 2.83 -7.49 -1.24
N LEU A 52 3.26 -7.53 0.01
CA LEU A 52 4.40 -6.76 0.52
C LEU A 52 5.69 -7.02 -0.21
N ASP A 53 5.87 -8.23 -0.68
CA ASP A 53 7.10 -8.61 -1.36
C ASP A 53 7.15 -8.07 -2.77
N GLN A 54 6.04 -7.55 -3.25
CA GLN A 54 5.98 -6.98 -4.58
C GLN A 54 6.06 -5.48 -4.50
N ILE A 55 5.75 -4.97 -3.34
CA ILE A 55 5.81 -3.54 -3.08
C ILE A 55 7.25 -3.11 -2.87
N THR A 56 7.69 -2.12 -3.60
CA THR A 56 9.02 -1.65 -3.46
C THR A 56 9.08 -0.39 -2.59
N HIS A 57 8.13 0.52 -2.78
CA HIS A 57 8.12 1.78 -2.01
C HIS A 57 6.80 2.50 -2.12
N VAL A 58 6.53 3.34 -1.13
CA VAL A 58 5.32 4.14 -1.03
C VAL A 58 5.65 5.63 -1.21
N ASP A 59 5.00 6.24 -2.15
CA ASP A 59 5.22 7.63 -2.44
C ASP A 59 3.87 8.26 -2.77
N GLY A 60 3.79 9.56 -2.89
CA GLY A 60 2.52 10.17 -3.20
C GLY A 60 1.71 10.49 -1.97
N TRP A 61 2.40 10.64 -0.86
CA TRP A 61 1.81 11.04 0.42
C TRP A 61 1.15 12.40 0.27
N SER A 1 14.54 -1.50 7.34
CA SER A 1 13.20 -0.97 7.41
C SER A 1 12.29 -1.73 6.48
N GLU A 2 11.07 -1.96 6.92
CA GLU A 2 10.11 -2.65 6.11
C GLU A 2 9.11 -1.66 5.57
N VAL A 3 8.77 -1.80 4.30
CA VAL A 3 7.77 -0.93 3.68
C VAL A 3 6.44 -1.06 4.41
N GLU A 4 6.23 -2.25 4.96
CA GLU A 4 5.06 -2.59 5.78
C GLU A 4 4.80 -1.52 6.83
N THR A 5 5.84 -1.12 7.51
CA THR A 5 5.73 -0.17 8.59
C THR A 5 5.31 1.19 8.03
N VAL A 6 5.78 1.45 6.84
CA VAL A 6 5.56 2.69 6.17
C VAL A 6 4.12 2.75 5.61
N LEU A 7 3.65 1.64 5.12
CA LEU A 7 2.28 1.53 4.64
C LEU A 7 1.32 1.61 5.81
N ARG A 8 1.74 1.02 6.92
CA ARG A 8 0.97 1.04 8.16
C ARG A 8 0.88 2.50 8.63
N LYS A 9 1.98 3.23 8.45
CA LYS A 9 2.07 4.66 8.73
C LYS A 9 1.03 5.42 7.90
N ALA A 10 0.99 5.15 6.61
CA ALA A 10 0.03 5.76 5.73
C ALA A 10 -1.41 5.42 6.14
N ALA A 11 -1.64 4.15 6.51
CA ALA A 11 -2.95 3.70 6.97
C ALA A 11 -3.40 4.49 8.20
N GLU A 12 -2.47 4.70 9.11
CA GLU A 12 -2.71 5.48 10.35
C GLU A 12 -3.20 6.89 10.03
N ARG A 13 -2.77 7.39 8.91
CA ARG A 13 -3.04 8.75 8.51
C ARG A 13 -4.15 8.82 7.47
N ASN A 14 -4.79 7.66 7.17
CA ASN A 14 -5.88 7.57 6.16
C ASN A 14 -5.36 7.97 4.79
N LYS A 15 -4.08 7.81 4.62
CA LYS A 15 -3.37 8.23 3.44
C LYS A 15 -3.66 7.43 2.21
N THR A 16 -4.12 8.12 1.21
CA THR A 16 -4.20 7.59 -0.10
C THR A 16 -2.84 7.88 -0.73
N VAL A 17 -2.19 6.87 -1.19
CA VAL A 17 -0.83 6.93 -1.63
C VAL A 17 -0.65 6.12 -2.90
N ASP A 18 0.47 6.27 -3.51
CA ASP A 18 0.81 5.52 -4.68
C ASP A 18 1.69 4.39 -4.25
N ILE A 19 1.31 3.21 -4.59
CA ILE A 19 2.09 2.06 -4.28
C ILE A 19 2.83 1.62 -5.51
N HIS A 20 4.11 1.42 -5.36
CA HIS A 20 4.96 1.05 -6.45
C HIS A 20 5.35 -0.40 -6.34
N THR A 21 5.13 -1.14 -7.38
CA THR A 21 5.42 -2.55 -7.39
C THR A 21 6.71 -2.86 -8.15
N LYS A 22 7.14 -4.12 -8.08
CA LYS A 22 8.34 -4.64 -8.76
C LYS A 22 8.23 -4.55 -10.26
N SER A 23 7.02 -4.52 -10.74
CA SER A 23 6.76 -4.45 -12.14
C SER A 23 6.92 -3.02 -12.67
N GLY A 24 7.09 -2.07 -11.75
CA GLY A 24 7.21 -0.68 -12.12
C GLY A 24 5.86 -0.04 -12.18
N THR A 25 4.88 -0.76 -11.71
CA THR A 25 3.52 -0.30 -11.73
C THR A 25 3.28 0.62 -10.52
N THR A 26 2.51 1.67 -10.74
CA THR A 26 2.16 2.58 -9.70
C THR A 26 0.64 2.66 -9.62
N VAL A 27 0.11 2.25 -8.50
CA VAL A 27 -1.33 2.30 -8.31
C VAL A 27 -1.63 3.14 -7.08
N ARG A 28 -2.43 4.17 -7.24
CA ARG A 28 -2.77 5.04 -6.14
C ARG A 28 -4.02 4.55 -5.45
N VAL A 29 -3.87 4.18 -4.20
CA VAL A 29 -4.91 3.55 -3.41
C VAL A 29 -4.89 4.08 -1.99
N ASN A 30 -5.88 3.71 -1.21
CA ASN A 30 -5.93 4.11 0.19
C ASN A 30 -5.57 2.90 1.05
N VAL A 31 -4.61 3.04 1.95
CA VAL A 31 -4.16 1.89 2.77
C VAL A 31 -5.17 1.64 3.88
N LYS A 32 -5.80 0.47 3.85
CA LYS A 32 -6.84 0.17 4.78
C LYS A 32 -6.39 -0.77 5.89
N ARG A 33 -5.59 -1.75 5.56
CA ARG A 33 -5.14 -2.71 6.52
C ARG A 33 -3.80 -3.28 6.11
N VAL A 34 -2.90 -3.38 7.05
CA VAL A 34 -1.58 -3.89 6.78
C VAL A 34 -1.34 -5.18 7.54
N ASP A 35 -1.15 -6.24 6.79
CA ASP A 35 -0.83 -7.54 7.35
C ASP A 35 0.61 -7.84 7.03
N SER A 36 1.25 -8.63 7.83
CA SER A 36 2.64 -8.99 7.58
C SER A 36 2.80 -10.11 6.56
N LYS A 37 2.31 -9.80 5.35
CA LYS A 37 2.38 -10.64 4.14
C LYS A 37 1.93 -9.78 2.99
N SER A 38 0.84 -9.10 3.22
CA SER A 38 0.18 -8.33 2.21
C SER A 38 -0.57 -7.16 2.84
N VAL A 39 -0.98 -6.25 2.02
CA VAL A 39 -1.67 -5.07 2.47
C VAL A 39 -2.93 -4.92 1.71
N LYS A 40 -3.96 -4.59 2.41
CA LYS A 40 -5.24 -4.39 1.85
C LYS A 40 -5.49 -2.92 1.73
N VAL A 41 -5.81 -2.53 0.57
CA VAL A 41 -6.02 -1.17 0.24
C VAL A 41 -7.38 -1.02 -0.38
N GLU A 42 -7.76 0.18 -0.65
CA GLU A 42 -9.01 0.42 -1.25
C GLU A 42 -8.82 1.20 -2.53
N ARG A 43 -9.35 0.68 -3.62
CA ARG A 43 -9.35 1.39 -4.86
C ARG A 43 -10.68 1.23 -5.52
N ASN A 44 -11.23 2.33 -6.01
CA ASN A 44 -12.56 2.37 -6.68
C ASN A 44 -13.64 1.86 -5.70
N GLY A 45 -13.41 2.13 -4.42
CA GLY A 45 -14.34 1.72 -3.38
C GLY A 45 -14.26 0.23 -3.06
N GLN A 46 -13.41 -0.47 -3.78
CA GLN A 46 -13.24 -1.89 -3.60
C GLN A 46 -11.99 -2.16 -2.82
N ASP A 47 -12.02 -3.18 -2.02
CA ASP A 47 -10.86 -3.57 -1.24
C ASP A 47 -9.97 -4.41 -2.13
N LEU A 48 -8.70 -4.16 -2.06
CA LEU A 48 -7.75 -4.77 -2.94
C LEU A 48 -6.54 -5.15 -2.12
N GLU A 49 -6.07 -6.34 -2.27
CA GLU A 49 -4.90 -6.76 -1.51
C GLU A 49 -3.66 -6.80 -2.39
N ILE A 50 -2.59 -6.27 -1.88
CA ILE A 50 -1.32 -6.19 -2.58
C ILE A 50 -0.27 -6.92 -1.75
N SER A 51 0.62 -7.57 -2.40
CA SER A 51 1.63 -8.36 -1.75
C SER A 51 2.82 -7.46 -1.34
N LEU A 52 3.19 -7.52 -0.05
CA LEU A 52 4.29 -6.72 0.50
C LEU A 52 5.61 -6.97 -0.21
N ASP A 53 5.78 -8.17 -0.70
CA ASP A 53 7.01 -8.53 -1.38
C ASP A 53 7.13 -7.89 -2.74
N GLN A 54 5.99 -7.54 -3.33
CA GLN A 54 6.00 -6.93 -4.64
C GLN A 54 6.05 -5.43 -4.53
N ILE A 55 5.73 -4.95 -3.37
CA ILE A 55 5.79 -3.52 -3.09
C ILE A 55 7.25 -3.09 -2.85
N THR A 56 7.67 -2.08 -3.57
CA THR A 56 9.03 -1.59 -3.41
C THR A 56 9.08 -0.32 -2.55
N HIS A 57 8.08 0.55 -2.71
CA HIS A 57 8.04 1.84 -2.00
C HIS A 57 6.72 2.55 -2.19
N VAL A 58 6.48 3.53 -1.34
CA VAL A 58 5.25 4.28 -1.33
C VAL A 58 5.50 5.79 -1.53
N ASP A 59 4.65 6.41 -2.31
CA ASP A 59 4.67 7.85 -2.58
C ASP A 59 3.25 8.36 -2.45
N GLY A 60 3.05 9.65 -2.50
CA GLY A 60 1.67 10.16 -2.44
C GLY A 60 1.29 10.65 -1.06
N TRP A 61 2.29 10.86 -0.26
CA TRP A 61 2.13 11.39 1.08
C TRP A 61 1.73 12.86 1.02
N SER A 1 9.12 -7.48 4.70
CA SER A 1 9.19 -6.21 3.98
C SER A 1 9.29 -5.04 4.95
N GLU A 2 10.32 -4.22 4.77
CA GLU A 2 10.52 -3.04 5.61
C GLU A 2 9.51 -1.95 5.26
N VAL A 3 9.04 -1.99 4.02
CA VAL A 3 8.08 -1.04 3.50
C VAL A 3 6.76 -1.11 4.30
N GLU A 4 6.46 -2.29 4.84
CA GLU A 4 5.23 -2.58 5.62
C GLU A 4 4.94 -1.49 6.65
N THR A 5 5.99 -1.03 7.30
CA THR A 5 5.89 -0.01 8.32
C THR A 5 5.35 1.30 7.70
N VAL A 6 5.74 1.53 6.47
CA VAL A 6 5.38 2.73 5.72
C VAL A 6 3.92 2.65 5.28
N LEU A 7 3.49 1.47 4.86
CA LEU A 7 2.08 1.25 4.49
C LEU A 7 1.21 1.47 5.71
N ARG A 8 1.65 0.96 6.84
CA ARG A 8 0.93 1.09 8.10
C ARG A 8 0.85 2.56 8.52
N LYS A 9 1.90 3.29 8.19
CA LYS A 9 1.97 4.73 8.43
C LYS A 9 0.86 5.43 7.63
N ALA A 10 0.84 5.18 6.34
CA ALA A 10 -0.16 5.72 5.44
C ALA A 10 -1.57 5.30 5.84
N ALA A 11 -1.72 4.03 6.20
CA ALA A 11 -3.01 3.49 6.64
C ALA A 11 -3.54 4.23 7.85
N GLU A 12 -2.65 4.48 8.80
CA GLU A 12 -2.97 5.15 10.05
C GLU A 12 -3.54 6.54 9.75
N ARG A 13 -2.88 7.26 8.88
CA ARG A 13 -3.31 8.62 8.56
C ARG A 13 -4.37 8.65 7.46
N ASN A 14 -4.83 7.46 7.02
CA ASN A 14 -5.86 7.35 5.96
C ASN A 14 -5.38 8.02 4.68
N LYS A 15 -4.09 7.88 4.44
CA LYS A 15 -3.44 8.49 3.31
C LYS A 15 -3.67 7.72 2.06
N THR A 16 -3.91 8.43 1.01
CA THR A 16 -3.96 7.86 -0.28
C THR A 16 -2.60 8.13 -0.88
N VAL A 17 -1.94 7.09 -1.30
CA VAL A 17 -0.56 7.19 -1.74
C VAL A 17 -0.34 6.38 -2.98
N ASP A 18 0.78 6.58 -3.60
CA ASP A 18 1.16 5.82 -4.75
C ASP A 18 1.97 4.64 -4.26
N ILE A 19 1.55 3.47 -4.61
CA ILE A 19 2.24 2.28 -4.22
C ILE A 19 3.02 1.76 -5.40
N HIS A 20 4.29 1.66 -5.23
CA HIS A 20 5.17 1.25 -6.29
C HIS A 20 5.44 -0.23 -6.18
N THR A 21 5.14 -0.96 -7.23
CA THR A 21 5.33 -2.39 -7.25
C THR A 21 6.55 -2.78 -8.09
N LYS A 22 7.06 -3.98 -7.85
CA LYS A 22 8.29 -4.52 -8.46
C LYS A 22 8.37 -4.41 -9.98
N SER A 23 7.26 -4.50 -10.65
CA SER A 23 7.25 -4.40 -12.11
C SER A 23 7.25 -2.94 -12.60
N GLY A 24 7.39 -1.99 -11.68
CA GLY A 24 7.44 -0.59 -12.04
C GLY A 24 6.07 0.02 -12.14
N THR A 25 5.09 -0.74 -11.73
CA THR A 25 3.73 -0.31 -11.78
C THR A 25 3.40 0.45 -10.51
N THR A 26 2.81 1.59 -10.65
CA THR A 26 2.43 2.38 -9.53
C THR A 26 0.91 2.37 -9.39
N VAL A 27 0.45 1.92 -8.25
CA VAL A 27 -0.96 1.86 -7.96
C VAL A 27 -1.27 2.86 -6.85
N ARG A 28 -1.94 3.93 -7.18
CA ARG A 28 -2.28 4.91 -6.17
C ARG A 28 -3.66 4.62 -5.60
N VAL A 29 -3.66 4.26 -4.35
CA VAL A 29 -4.84 3.84 -3.62
C VAL A 29 -4.72 4.24 -2.15
N ASN A 30 -5.72 3.92 -1.37
CA ASN A 30 -5.70 4.22 0.05
C ASN A 30 -5.39 2.95 0.79
N VAL A 31 -4.36 2.99 1.63
CA VAL A 31 -3.96 1.81 2.39
C VAL A 31 -5.02 1.52 3.42
N LYS A 32 -5.58 0.35 3.37
CA LYS A 32 -6.74 0.06 4.16
C LYS A 32 -6.42 -0.82 5.35
N ARG A 33 -5.57 -1.78 5.13
CA ARG A 33 -5.15 -2.70 6.15
C ARG A 33 -3.76 -3.23 5.85
N VAL A 34 -2.94 -3.27 6.86
CA VAL A 34 -1.62 -3.83 6.73
C VAL A 34 -1.54 -5.14 7.47
N ASP A 35 -1.25 -6.17 6.75
CA ASP A 35 -1.10 -7.50 7.30
C ASP A 35 0.40 -7.84 7.28
N SER A 36 0.75 -9.05 7.58
CA SER A 36 2.16 -9.45 7.61
C SER A 36 2.65 -9.78 6.22
N LYS A 37 1.79 -10.34 5.41
CA LYS A 37 2.17 -10.78 4.09
C LYS A 37 1.70 -9.81 3.03
N SER A 38 0.61 -9.18 3.28
CA SER A 38 -0.02 -8.36 2.28
C SER A 38 -0.69 -7.15 2.87
N VAL A 39 -1.08 -6.27 2.02
CA VAL A 39 -1.78 -5.10 2.40
C VAL A 39 -3.02 -5.00 1.58
N LYS A 40 -4.07 -4.66 2.23
CA LYS A 40 -5.30 -4.43 1.57
C LYS A 40 -5.47 -2.97 1.43
N VAL A 41 -5.88 -2.57 0.29
CA VAL A 41 -6.07 -1.21 -0.03
C VAL A 41 -7.46 -1.01 -0.52
N GLU A 42 -7.85 0.21 -0.63
CA GLU A 42 -9.17 0.53 -1.02
C GLU A 42 -9.18 1.26 -2.34
N ARG A 43 -9.83 0.68 -3.34
CA ARG A 43 -10.04 1.36 -4.59
C ARG A 43 -11.51 1.37 -4.91
N ASN A 44 -12.09 2.57 -4.92
CA ASN A 44 -13.52 2.80 -5.18
C ASN A 44 -14.36 2.03 -4.12
N GLY A 45 -13.79 1.94 -2.92
CA GLY A 45 -14.44 1.26 -1.83
C GLY A 45 -14.36 -0.26 -1.94
N GLN A 46 -13.54 -0.74 -2.83
CA GLN A 46 -13.39 -2.16 -3.04
C GLN A 46 -12.04 -2.60 -2.44
N ASP A 47 -12.03 -3.75 -1.79
CA ASP A 47 -10.83 -4.29 -1.13
C ASP A 47 -9.90 -4.87 -2.14
N LEU A 48 -8.72 -4.34 -2.22
CA LEU A 48 -7.77 -4.81 -3.17
C LEU A 48 -6.54 -5.21 -2.38
N GLU A 49 -6.08 -6.40 -2.54
CA GLU A 49 -4.95 -6.85 -1.79
C GLU A 49 -3.69 -6.87 -2.62
N ILE A 50 -2.63 -6.34 -2.05
CA ILE A 50 -1.35 -6.28 -2.68
C ILE A 50 -0.35 -6.96 -1.78
N SER A 51 0.57 -7.64 -2.36
CA SER A 51 1.57 -8.34 -1.62
C SER A 51 2.72 -7.42 -1.21
N LEU A 52 3.08 -7.46 0.06
CA LEU A 52 4.14 -6.62 0.62
C LEU A 52 5.48 -6.82 -0.04
N ASP A 53 5.71 -7.99 -0.58
CA ASP A 53 6.96 -8.28 -1.25
C ASP A 53 7.02 -7.65 -2.62
N GLN A 54 5.85 -7.30 -3.16
CA GLN A 54 5.78 -6.69 -4.47
C GLN A 54 5.88 -5.20 -4.33
N ILE A 55 5.56 -4.73 -3.16
CA ILE A 55 5.64 -3.32 -2.88
C ILE A 55 7.09 -2.94 -2.62
N THR A 56 7.60 -2.00 -3.38
CA THR A 56 8.96 -1.56 -3.24
C THR A 56 9.06 -0.35 -2.30
N HIS A 57 8.15 0.61 -2.47
CA HIS A 57 8.16 1.84 -1.67
C HIS A 57 6.88 2.65 -1.89
N VAL A 58 6.63 3.57 -0.99
CA VAL A 58 5.42 4.39 -0.99
C VAL A 58 5.78 5.86 -1.20
N ASP A 59 5.03 6.52 -2.08
CA ASP A 59 5.17 7.96 -2.35
C ASP A 59 3.80 8.53 -2.54
N GLY A 60 3.68 9.83 -2.63
CA GLY A 60 2.37 10.40 -2.91
C GLY A 60 1.64 10.81 -1.67
N TRP A 61 2.39 11.02 -0.63
CA TRP A 61 1.89 11.43 0.66
C TRP A 61 1.36 12.86 0.55
N SER A 1 13.73 -0.51 7.73
CA SER A 1 13.99 -0.66 6.31
C SER A 1 12.87 -1.48 5.66
N GLU A 2 11.76 -1.62 6.37
CA GLU A 2 10.68 -2.45 5.94
C GLU A 2 9.58 -1.57 5.41
N VAL A 3 9.13 -1.83 4.21
CA VAL A 3 8.10 -1.03 3.59
C VAL A 3 6.76 -1.17 4.34
N GLU A 4 6.55 -2.34 4.96
CA GLU A 4 5.36 -2.62 5.79
C GLU A 4 5.12 -1.50 6.78
N THR A 5 6.19 -0.99 7.35
CA THR A 5 6.15 0.08 8.33
C THR A 5 5.57 1.34 7.68
N VAL A 6 5.91 1.51 6.43
CA VAL A 6 5.53 2.68 5.67
C VAL A 6 4.04 2.61 5.31
N LEU A 7 3.58 1.42 4.90
CA LEU A 7 2.15 1.22 4.62
C LEU A 7 1.33 1.42 5.87
N ARG A 8 1.83 0.91 6.97
CA ARG A 8 1.17 1.02 8.26
C ARG A 8 1.11 2.50 8.70
N LYS A 9 2.13 3.25 8.34
CA LYS A 9 2.19 4.68 8.60
C LYS A 9 1.13 5.41 7.75
N ALA A 10 1.03 5.03 6.50
CA ALA A 10 0.03 5.58 5.59
C ALA A 10 -1.38 5.27 6.08
N ALA A 11 -1.61 4.02 6.49
CA ALA A 11 -2.90 3.56 7.02
C ALA A 11 -3.33 4.38 8.22
N GLU A 12 -2.34 4.75 9.03
CA GLU A 12 -2.53 5.53 10.23
C GLU A 12 -3.22 6.85 9.93
N ARG A 13 -2.75 7.52 8.91
CA ARG A 13 -3.26 8.83 8.55
C ARG A 13 -4.40 8.72 7.56
N ASN A 14 -4.77 7.47 7.21
CA ASN A 14 -5.83 7.18 6.22
C ASN A 14 -5.39 7.75 4.87
N LYS A 15 -4.09 7.73 4.66
CA LYS A 15 -3.49 8.27 3.48
C LYS A 15 -3.67 7.38 2.28
N THR A 16 -4.18 7.97 1.25
CA THR A 16 -4.23 7.35 -0.01
C THR A 16 -2.89 7.67 -0.65
N VAL A 17 -2.18 6.68 -1.07
CA VAL A 17 -0.82 6.85 -1.53
C VAL A 17 -0.59 6.07 -2.80
N ASP A 18 0.50 6.35 -3.46
CA ASP A 18 0.88 5.63 -4.64
C ASP A 18 1.77 4.51 -4.20
N ILE A 19 1.42 3.32 -4.58
CA ILE A 19 2.19 2.17 -4.24
C ILE A 19 2.95 1.70 -5.46
N HIS A 20 4.24 1.64 -5.33
CA HIS A 20 5.11 1.24 -6.39
C HIS A 20 5.42 -0.23 -6.25
N THR A 21 5.18 -0.98 -7.30
CA THR A 21 5.36 -2.42 -7.26
C THR A 21 6.51 -2.86 -8.17
N LYS A 22 6.95 -4.10 -8.01
CA LYS A 22 8.04 -4.69 -8.79
C LYS A 22 7.68 -4.84 -10.26
N SER A 23 6.42 -4.76 -10.56
CA SER A 23 5.97 -4.86 -11.94
C SER A 23 6.16 -3.53 -12.66
N GLY A 24 6.46 -2.48 -11.90
CA GLY A 24 6.60 -1.15 -12.47
C GLY A 24 5.26 -0.45 -12.48
N THR A 25 4.35 -1.02 -11.74
CA THR A 25 3.02 -0.53 -11.65
C THR A 25 2.89 0.36 -10.42
N THR A 26 2.32 1.51 -10.60
CA THR A 26 2.10 2.42 -9.53
C THR A 26 0.63 2.74 -9.45
N VAL A 27 0.00 2.37 -8.37
CA VAL A 27 -1.40 2.62 -8.18
C VAL A 27 -1.63 3.41 -6.92
N ARG A 28 -2.49 4.38 -6.99
CA ARG A 28 -2.82 5.15 -5.84
C ARG A 28 -4.05 4.57 -5.20
N VAL A 29 -3.88 4.06 -4.02
CA VAL A 29 -4.93 3.39 -3.29
C VAL A 29 -4.90 3.81 -1.84
N ASN A 30 -5.90 3.46 -1.09
CA ASN A 30 -5.96 3.84 0.30
C ASN A 30 -5.61 2.64 1.16
N VAL A 31 -4.63 2.80 2.03
CA VAL A 31 -4.18 1.71 2.88
C VAL A 31 -5.14 1.53 4.04
N LYS A 32 -5.75 0.37 4.11
CA LYS A 32 -6.72 0.11 5.09
C LYS A 32 -6.23 -0.83 6.18
N ARG A 33 -5.49 -1.85 5.80
CA ARG A 33 -4.97 -2.78 6.76
C ARG A 33 -3.63 -3.30 6.31
N VAL A 34 -2.72 -3.39 7.23
CA VAL A 34 -1.41 -3.92 6.95
C VAL A 34 -1.18 -5.17 7.76
N ASP A 35 -1.13 -6.27 7.08
CA ASP A 35 -0.83 -7.54 7.71
C ASP A 35 0.56 -7.91 7.28
N SER A 36 1.22 -8.71 8.03
CA SER A 36 2.59 -9.03 7.72
C SER A 36 2.75 -10.11 6.66
N LYS A 37 2.47 -9.71 5.42
CA LYS A 37 2.63 -10.53 4.22
C LYS A 37 2.01 -9.77 3.06
N SER A 38 0.94 -9.06 3.34
CA SER A 38 0.22 -8.32 2.33
C SER A 38 -0.60 -7.19 2.96
N VAL A 39 -1.07 -6.29 2.14
CA VAL A 39 -1.79 -5.14 2.59
C VAL A 39 -3.09 -5.02 1.84
N LYS A 40 -4.11 -4.70 2.57
CA LYS A 40 -5.43 -4.58 2.04
C LYS A 40 -5.74 -3.11 1.85
N VAL A 41 -6.16 -2.78 0.67
CA VAL A 41 -6.30 -1.42 0.25
C VAL A 41 -7.58 -1.27 -0.51
N GLU A 42 -7.88 -0.08 -0.92
CA GLU A 42 -9.08 0.15 -1.64
C GLU A 42 -8.80 1.08 -2.83
N ARG A 43 -9.28 0.68 -3.99
CA ARG A 43 -9.15 1.46 -5.21
C ARG A 43 -10.52 1.77 -5.80
N ASN A 44 -10.91 3.04 -5.76
CA ASN A 44 -12.20 3.52 -6.31
C ASN A 44 -13.38 2.79 -5.61
N GLY A 45 -13.17 2.48 -4.35
CA GLY A 45 -14.18 1.80 -3.56
C GLY A 45 -14.10 0.29 -3.66
N GLN A 46 -13.26 -0.20 -4.52
CA GLN A 46 -13.12 -1.62 -4.72
C GLN A 46 -11.92 -2.07 -3.87
N ASP A 47 -12.09 -3.10 -3.09
CA ASP A 47 -11.03 -3.57 -2.18
C ASP A 47 -9.98 -4.33 -2.95
N LEU A 48 -8.76 -4.21 -2.56
CA LEU A 48 -7.68 -4.78 -3.31
C LEU A 48 -6.60 -5.20 -2.33
N GLU A 49 -5.90 -6.25 -2.62
CA GLU A 49 -4.85 -6.73 -1.75
C GLU A 49 -3.53 -6.69 -2.50
N ILE A 50 -2.49 -6.21 -1.86
CA ILE A 50 -1.20 -6.10 -2.48
C ILE A 50 -0.19 -6.84 -1.63
N SER A 51 0.73 -7.47 -2.28
CA SER A 51 1.73 -8.26 -1.62
C SER A 51 2.92 -7.38 -1.19
N LEU A 52 3.26 -7.44 0.10
CA LEU A 52 4.33 -6.60 0.68
C LEU A 52 5.68 -6.76 -0.01
N ASP A 53 5.95 -7.95 -0.51
CA ASP A 53 7.24 -8.23 -1.15
C ASP A 53 7.31 -7.60 -2.52
N GLN A 54 6.17 -7.33 -3.09
CA GLN A 54 6.08 -6.75 -4.41
C GLN A 54 6.11 -5.26 -4.32
N ILE A 55 5.79 -4.76 -3.17
CA ILE A 55 5.83 -3.34 -2.90
C ILE A 55 7.29 -2.89 -2.74
N THR A 56 7.68 -1.89 -3.47
CA THR A 56 9.02 -1.38 -3.39
C THR A 56 9.12 -0.16 -2.46
N HIS A 57 8.13 0.74 -2.57
CA HIS A 57 8.11 1.99 -1.81
C HIS A 57 6.79 2.74 -1.97
N VAL A 58 6.48 3.59 -1.00
CA VAL A 58 5.24 4.38 -0.95
C VAL A 58 5.52 5.86 -1.19
N ASP A 59 4.71 6.46 -2.05
CA ASP A 59 4.85 7.89 -2.35
C ASP A 59 3.45 8.48 -2.50
N GLY A 60 3.33 9.79 -2.60
CA GLY A 60 2.01 10.40 -2.84
C GLY A 60 1.22 10.63 -1.57
N TRP A 61 1.95 10.81 -0.50
CA TRP A 61 1.39 11.07 0.83
C TRP A 61 0.59 12.39 0.87
N SER A 1 14.35 1.71 8.15
CA SER A 1 12.98 1.73 7.66
C SER A 1 12.67 0.44 6.92
N GLU A 2 11.40 0.13 6.82
CA GLU A 2 10.91 -0.98 6.07
C GLU A 2 9.61 -0.48 5.46
N VAL A 3 9.24 -0.95 4.29
CA VAL A 3 8.09 -0.43 3.61
C VAL A 3 6.79 -0.77 4.34
N GLU A 4 6.74 -1.91 5.03
CA GLU A 4 5.58 -2.28 5.84
C GLU A 4 5.28 -1.19 6.86
N THR A 5 6.31 -0.61 7.41
CA THR A 5 6.18 0.44 8.40
C THR A 5 5.57 1.69 7.75
N VAL A 6 5.96 1.90 6.50
CA VAL A 6 5.53 3.05 5.72
C VAL A 6 4.07 2.88 5.31
N LEU A 7 3.73 1.68 4.90
CA LEU A 7 2.37 1.31 4.53
C LEU A 7 1.46 1.44 5.73
N ARG A 8 1.96 0.99 6.86
CA ARG A 8 1.25 1.05 8.13
C ARG A 8 1.01 2.51 8.51
N LYS A 9 2.00 3.35 8.21
CA LYS A 9 1.91 4.78 8.43
C LYS A 9 0.79 5.39 7.60
N ALA A 10 0.81 5.10 6.30
CA ALA A 10 -0.22 5.56 5.39
C ALA A 10 -1.60 5.05 5.80
N ALA A 11 -1.65 3.81 6.28
CA ALA A 11 -2.88 3.18 6.76
C ALA A 11 -3.42 3.93 7.96
N GLU A 12 -2.54 4.25 8.89
CA GLU A 12 -2.88 4.91 10.12
C GLU A 12 -3.50 6.28 9.84
N ARG A 13 -2.97 6.99 8.86
CA ARG A 13 -3.51 8.31 8.55
C ARG A 13 -4.62 8.26 7.49
N ASN A 14 -4.83 7.07 6.93
CA ASN A 14 -5.83 6.85 5.85
C ASN A 14 -5.49 7.67 4.61
N LYS A 15 -4.21 7.74 4.34
CA LYS A 15 -3.68 8.43 3.20
C LYS A 15 -3.80 7.60 1.94
N THR A 16 -4.21 8.23 0.87
CA THR A 16 -4.19 7.58 -0.40
C THR A 16 -2.82 7.88 -1.00
N VAL A 17 -2.11 6.87 -1.38
CA VAL A 17 -0.74 7.02 -1.81
C VAL A 17 -0.48 6.20 -3.06
N ASP A 18 0.60 6.48 -3.72
CA ASP A 18 1.01 5.72 -4.85
C ASP A 18 1.90 4.62 -4.35
N ILE A 19 1.55 3.41 -4.68
CA ILE A 19 2.33 2.31 -4.28
C ILE A 19 3.11 1.79 -5.45
N HIS A 20 4.41 1.76 -5.29
CA HIS A 20 5.28 1.30 -6.34
C HIS A 20 5.50 -0.14 -6.19
N THR A 21 5.17 -0.85 -7.20
CA THR A 21 5.25 -2.24 -7.21
C THR A 21 6.47 -2.67 -8.06
N LYS A 22 6.98 -3.87 -7.79
CA LYS A 22 8.18 -4.45 -8.41
C LYS A 22 8.21 -4.42 -9.93
N SER A 23 7.05 -4.48 -10.56
CA SER A 23 6.99 -4.47 -12.02
C SER A 23 7.12 -3.04 -12.56
N GLY A 24 7.28 -2.08 -11.65
CA GLY A 24 7.39 -0.68 -12.02
C GLY A 24 6.03 -0.04 -12.01
N THR A 25 5.05 -0.84 -11.72
CA THR A 25 3.68 -0.45 -11.71
C THR A 25 3.41 0.46 -10.52
N THR A 26 2.70 1.53 -10.77
CA THR A 26 2.36 2.44 -9.72
C THR A 26 0.86 2.62 -9.68
N VAL A 27 0.26 2.26 -8.59
CA VAL A 27 -1.18 2.38 -8.44
C VAL A 27 -1.44 3.20 -7.20
N ARG A 28 -2.30 4.18 -7.30
CA ARG A 28 -2.62 5.01 -6.17
C ARG A 28 -3.82 4.44 -5.44
N VAL A 29 -3.60 4.00 -4.23
CA VAL A 29 -4.62 3.34 -3.45
C VAL A 29 -4.62 3.90 -2.04
N ASN A 30 -5.63 3.60 -1.30
CA ASN A 30 -5.73 4.04 0.08
C ASN A 30 -5.46 2.85 0.96
N VAL A 31 -4.52 2.95 1.87
CA VAL A 31 -4.16 1.81 2.70
C VAL A 31 -5.13 1.66 3.87
N LYS A 32 -5.81 0.54 3.92
CA LYS A 32 -6.77 0.28 4.96
C LYS A 32 -6.22 -0.58 6.07
N ARG A 33 -5.45 -1.56 5.71
CA ARG A 33 -4.98 -2.53 6.65
C ARG A 33 -3.66 -3.10 6.22
N VAL A 34 -2.81 -3.33 7.17
CA VAL A 34 -1.54 -3.94 6.93
C VAL A 34 -1.52 -5.27 7.63
N ASP A 35 -1.53 -6.30 6.86
CA ASP A 35 -1.55 -7.65 7.37
C ASP A 35 -0.19 -8.27 7.17
N SER A 36 -0.04 -9.51 7.50
CA SER A 36 1.22 -10.20 7.28
C SER A 36 1.27 -10.65 5.82
N LYS A 37 2.45 -10.51 5.19
CA LYS A 37 2.71 -10.96 3.80
C LYS A 37 2.04 -10.04 2.74
N SER A 38 0.98 -9.37 3.12
CA SER A 38 0.24 -8.54 2.21
C SER A 38 -0.47 -7.39 2.94
N VAL A 39 -0.94 -6.43 2.18
CA VAL A 39 -1.60 -5.25 2.68
C VAL A 39 -2.90 -5.07 1.97
N LYS A 40 -3.90 -4.74 2.71
CA LYS A 40 -5.21 -4.61 2.20
C LYS A 40 -5.54 -3.13 2.02
N VAL A 41 -5.88 -2.77 0.82
CA VAL A 41 -6.07 -1.39 0.44
C VAL A 41 -7.44 -1.18 -0.17
N GLU A 42 -7.74 0.05 -0.47
CA GLU A 42 -9.00 0.44 -1.05
C GLU A 42 -8.74 0.99 -2.44
N ARG A 43 -9.42 0.47 -3.42
CA ARG A 43 -9.32 0.98 -4.76
C ARG A 43 -10.69 1.39 -5.22
N ASN A 44 -10.90 2.70 -5.32
CA ASN A 44 -12.19 3.29 -5.75
C ASN A 44 -13.38 2.76 -4.95
N GLY A 45 -13.13 2.46 -3.69
CA GLY A 45 -14.16 1.98 -2.82
C GLY A 45 -14.34 0.48 -2.81
N GLN A 46 -13.42 -0.23 -3.40
CA GLN A 46 -13.46 -1.67 -3.37
C GLN A 46 -12.14 -2.12 -2.74
N ASP A 47 -12.19 -3.04 -1.82
CA ASP A 47 -10.98 -3.45 -1.11
C ASP A 47 -10.22 -4.54 -1.85
N LEU A 48 -8.96 -4.29 -2.05
CA LEU A 48 -8.05 -5.18 -2.76
C LEU A 48 -6.83 -5.39 -1.92
N GLU A 49 -6.16 -6.48 -2.10
CA GLU A 49 -5.02 -6.75 -1.29
C GLU A 49 -3.76 -6.81 -2.17
N ILE A 50 -2.67 -6.28 -1.66
CA ILE A 50 -1.43 -6.20 -2.39
C ILE A 50 -0.37 -6.94 -1.61
N SER A 51 0.50 -7.60 -2.31
CA SER A 51 1.52 -8.39 -1.68
C SER A 51 2.71 -7.51 -1.29
N LEU A 52 3.16 -7.63 -0.05
CA LEU A 52 4.29 -6.84 0.49
C LEU A 52 5.55 -7.06 -0.32
N ASP A 53 5.67 -8.23 -0.88
CA ASP A 53 6.84 -8.61 -1.65
C ASP A 53 6.86 -8.00 -3.03
N GLN A 54 5.79 -7.33 -3.39
CA GLN A 54 5.76 -6.65 -4.65
C GLN A 54 5.91 -5.17 -4.43
N ILE A 55 5.59 -4.75 -3.25
CA ILE A 55 5.69 -3.35 -2.89
C ILE A 55 7.15 -2.97 -2.61
N THR A 56 7.62 -1.95 -3.29
CA THR A 56 8.98 -1.50 -3.11
C THR A 56 9.04 -0.24 -2.22
N HIS A 57 8.11 0.70 -2.43
CA HIS A 57 8.12 2.00 -1.71
C HIS A 57 6.84 2.80 -1.95
N VAL A 58 6.61 3.79 -1.09
CA VAL A 58 5.38 4.61 -1.08
C VAL A 58 5.67 6.09 -1.34
N ASP A 59 4.92 6.69 -2.24
CA ASP A 59 5.02 8.13 -2.55
C ASP A 59 3.60 8.65 -2.79
N GLY A 60 3.41 9.95 -2.90
CA GLY A 60 2.09 10.46 -3.22
C GLY A 60 1.25 10.72 -1.99
N TRP A 61 1.93 10.94 -0.89
CA TRP A 61 1.30 11.22 0.41
C TRP A 61 0.45 12.49 0.38
#